data_3FK2
#
_entry.id   3FK2
#
_cell.length_a   165.025
_cell.length_b   72.408
_cell.length_c   72.863
_cell.angle_alpha   90.000
_cell.angle_beta   90.000
_cell.angle_gamma   90.000
#
_symmetry.space_group_name_H-M   'P 21 21 2'
#
loop_
_entity.id
_entity.type
_entity.pdbx_description
1 polymer 'Glucocorticoid receptor DNA-binding factor 1'
2 non-polymer 'UNKNOWN ATOM OR ION'
#
_entity_poly.entity_id   1
_entity_poly.type   'polypeptide(L)'
_entity_poly.pdbx_seq_one_letter_code
;MHHHHHHSSGRENLYFQGDPRRRNILRSLRRNTKKPKPKPRPSITKATWESNYFGVPLTTVVTPEKPIPIFIERCIEYIE
ATGLSTEGIYRVSGNKSEMESLQRQFDQDHNLDLAEKDFTVNTVAGAMKSFFSELPDPLVPYNMQIDLVEAHKINDREQK
LHALKEVLKKFPKENHEVFKYVISHLNKVSHNNKVNLMTSENLSICFWPTLMRPDFSTMDALTATRTYQTIIELFIQQCP
FFFYNR
;
_entity_poly.pdbx_strand_id   A,B,C,D
#
loop_
_chem_comp.id
_chem_comp.type
_chem_comp.name
_chem_comp.formula
UNX non-polymer 'UNKNOWN ATOM OR ION' ?
#
# COMPACT_ATOMS: atom_id res chain seq x y z
N TRP A 49 -11.21 8.81 25.35
CA TRP A 49 -11.82 7.83 26.26
C TRP A 49 -11.56 6.37 25.84
N GLU A 50 -11.70 5.45 26.78
CA GLU A 50 -11.42 4.03 26.53
C GLU A 50 -12.74 3.27 26.42
N SER A 51 -12.71 2.11 25.77
CA SER A 51 -13.92 1.32 25.58
C SER A 51 -13.68 -0.17 25.35
N ASN A 52 -14.61 -0.99 25.82
CA ASN A 52 -14.60 -2.42 25.59
C ASN A 52 -15.34 -2.76 24.30
N TYR A 53 -16.10 -1.79 23.78
CA TYR A 53 -16.98 -2.03 22.64
C TYR A 53 -16.50 -1.35 21.36
N PHE A 54 -16.12 -0.08 21.47
CA PHE A 54 -15.62 0.66 20.31
C PHE A 54 -14.11 0.57 20.20
N GLY A 55 -13.62 0.54 18.97
CA GLY A 55 -12.20 0.44 18.73
C GLY A 55 -11.63 -0.94 19.00
N VAL A 56 -12.51 -1.94 19.16
CA VAL A 56 -12.07 -3.31 19.35
C VAL A 56 -12.44 -4.13 18.12
N PRO A 57 -11.70 -5.22 17.86
CA PRO A 57 -11.92 -6.08 16.69
C PRO A 57 -13.39 -6.42 16.47
N LEU A 58 -13.77 -6.61 15.21
CA LEU A 58 -15.18 -6.82 14.88
C LEU A 58 -15.76 -8.09 15.52
N THR A 59 -14.99 -9.16 15.50
CA THR A 59 -15.44 -10.44 16.06
C THR A 59 -15.75 -10.37 17.56
N THR A 60 -15.14 -9.42 18.25
CA THR A 60 -15.32 -9.23 19.69
C THR A 60 -16.73 -8.76 20.04
N VAL A 61 -17.38 -8.08 19.09
CA VAL A 61 -18.71 -7.52 19.32
C VAL A 61 -19.80 -8.16 18.45
N VAL A 62 -19.51 -9.33 17.90
CA VAL A 62 -20.50 -10.10 17.16
C VAL A 62 -20.33 -11.60 17.41
N THR A 63 -21.43 -12.33 17.28
CA THR A 63 -21.41 -13.78 17.38
C THR A 63 -21.98 -14.33 16.07
N PRO A 64 -21.73 -15.61 15.76
CA PRO A 64 -22.30 -16.13 14.51
C PRO A 64 -23.83 -16.20 14.58
N GLU A 65 -24.38 -16.16 15.79
CA GLU A 65 -25.82 -16.27 15.99
C GLU A 65 -26.49 -14.90 15.99
N LYS A 66 -25.73 -13.88 16.36
CA LYS A 66 -26.17 -12.49 16.35
C LYS A 66 -25.07 -11.62 15.72
N PRO A 67 -24.93 -11.71 14.38
CA PRO A 67 -23.77 -11.27 13.58
C PRO A 67 -23.65 -9.76 13.41
N ILE A 68 -24.74 -9.05 13.64
CA ILE A 68 -24.74 -7.60 13.55
C ILE A 68 -24.47 -7.01 14.93
N PRO A 69 -23.45 -6.15 15.03
CA PRO A 69 -23.20 -5.44 16.29
C PRO A 69 -24.48 -4.77 16.79
N ILE A 70 -24.80 -4.95 18.06
CA ILE A 70 -26.01 -4.36 18.63
C ILE A 70 -26.08 -2.85 18.41
N PHE A 71 -24.95 -2.16 18.55
CA PHE A 71 -24.92 -0.71 18.33
C PHE A 71 -25.36 -0.37 16.92
N ILE A 72 -24.92 -1.17 15.94
CA ILE A 72 -25.28 -0.94 14.55
C ILE A 72 -26.77 -1.14 14.32
N GLU A 73 -27.31 -2.20 14.93
CA GLU A 73 -28.77 -2.40 14.90
C GLU A 73 -29.55 -1.20 15.46
N ARG A 74 -29.18 -0.72 16.65
CA ARG A 74 -29.87 0.43 17.24
C ARG A 74 -29.90 1.61 16.30
N CYS A 75 -28.73 1.97 15.78
CA CYS A 75 -28.61 3.18 14.98
C CYS A 75 -29.35 3.04 13.66
N ILE A 76 -29.16 1.92 12.98
CA ILE A 76 -29.76 1.75 11.67
C ILE A 76 -31.28 1.66 11.78
N GLU A 77 -31.75 0.91 12.77
CA GLU A 77 -33.18 0.77 13.00
C GLU A 77 -33.82 2.11 13.41
N TYR A 78 -33.07 2.93 14.14
CA TYR A 78 -33.55 4.22 14.58
C TYR A 78 -33.53 5.21 13.42
N ILE A 79 -32.47 5.15 12.64
CA ILE A 79 -32.33 6.01 11.46
C ILE A 79 -33.39 5.68 10.42
N GLU A 80 -33.72 4.40 10.30
CA GLU A 80 -34.77 3.99 9.36
C GLU A 80 -36.14 4.46 9.83
N ALA A 81 -36.32 4.55 11.14
CA ALA A 81 -37.60 4.97 11.69
C ALA A 81 -37.68 6.48 11.91
N THR A 82 -36.56 7.17 11.84
CA THR A 82 -36.53 8.60 12.16
C THR A 82 -35.96 9.52 11.07
N GLY A 83 -35.06 8.99 10.24
CA GLY A 83 -34.29 9.85 9.34
C GLY A 83 -34.24 9.58 7.84
N LEU A 84 -35.09 8.70 7.32
CA LEU A 84 -35.11 8.40 5.89
C LEU A 84 -35.47 9.59 4.99
N SER A 85 -35.99 10.66 5.59
CA SER A 85 -36.39 11.83 4.81
C SER A 85 -35.49 13.05 5.06
N THR A 86 -34.49 12.90 5.91
CA THR A 86 -33.63 14.02 6.25
C THR A 86 -32.63 14.33 5.12
N GLU A 87 -32.64 15.57 4.63
CA GLU A 87 -31.74 15.94 3.55
C GLU A 87 -30.30 15.67 3.93
N GLY A 88 -29.57 15.08 2.98
CA GLY A 88 -28.15 14.83 3.14
C GLY A 88 -27.74 13.89 4.26
N ILE A 89 -28.66 13.07 4.74
CA ILE A 89 -28.31 12.12 5.78
C ILE A 89 -27.03 11.34 5.39
N TYR A 90 -26.13 11.21 6.38
CA TYR A 90 -24.82 10.56 6.22
C TYR A 90 -23.77 11.46 5.56
N ARG A 91 -24.21 12.43 4.76
CA ARG A 91 -23.30 13.37 4.11
C ARG A 91 -22.97 14.51 5.06
N VAL A 92 -24.00 15.07 5.68
CA VAL A 92 -23.85 16.09 6.70
C VAL A 92 -23.17 15.51 7.94
N SER A 93 -22.15 16.20 8.43
CA SER A 93 -21.49 15.75 9.64
C SER A 93 -22.21 16.30 10.85
N GLY A 94 -22.20 15.54 11.94
CA GLY A 94 -22.93 15.94 13.12
C GLY A 94 -22.04 16.45 14.24
N ASN A 95 -22.66 16.85 15.34
CA ASN A 95 -21.94 17.31 16.51
C ASN A 95 -21.01 16.22 17.04
N LYS A 96 -19.71 16.47 16.97
CA LYS A 96 -18.72 15.48 17.44
C LYS A 96 -18.90 15.19 18.93
N SER A 97 -19.30 16.20 19.70
CA SER A 97 -19.57 16.00 21.12
C SER A 97 -20.76 15.09 21.35
N GLU A 98 -21.83 15.30 20.57
CA GLU A 98 -23.05 14.50 20.71
C GLU A 98 -22.84 13.03 20.33
N MET A 99 -21.92 12.77 19.41
CA MET A 99 -21.63 11.39 19.03
C MET A 99 -20.82 10.70 20.10
N GLU A 100 -19.76 11.37 20.56
CA GLU A 100 -18.91 10.82 21.61
C GLU A 100 -19.80 10.51 22.80
N SER A 101 -20.76 11.39 23.04
CA SER A 101 -21.75 11.20 24.09
C SER A 101 -22.57 9.93 23.85
N LEU A 102 -23.19 9.83 22.68
CA LEU A 102 -24.00 8.65 22.34
C LEU A 102 -23.21 7.36 22.49
N GLN A 103 -21.97 7.37 22.02
CA GLN A 103 -21.11 6.20 22.13
C GLN A 103 -20.80 5.90 23.59
N ARG A 104 -20.44 6.93 24.34
CA ARG A 104 -20.15 6.76 25.76
C ARG A 104 -21.35 6.18 26.50
N GLN A 105 -22.52 6.78 26.28
CA GLN A 105 -23.74 6.34 26.95
C GLN A 105 -24.11 4.92 26.58
N PHE A 106 -23.88 4.55 25.32
CA PHE A 106 -24.15 3.18 24.91
C PHE A 106 -23.16 2.25 25.59
N ASP A 107 -21.92 2.71 25.68
CA ASP A 107 -20.87 1.93 26.32
C ASP A 107 -21.28 1.55 27.75
N GLN A 108 -21.99 2.45 28.43
CA GLN A 108 -22.42 2.21 29.79
C GLN A 108 -23.48 1.11 29.87
N ASP A 109 -24.58 1.27 29.12
CA ASP A 109 -25.52 0.16 28.98
C ASP A 109 -26.01 -0.04 27.53
N HIS A 110 -26.04 -1.30 27.11
CA HIS A 110 -26.26 -1.65 25.72
C HIS A 110 -27.74 -1.66 25.33
N ASN A 111 -28.61 -1.44 26.32
CA ASN A 111 -30.04 -1.38 26.06
C ASN A 111 -30.50 0.05 25.83
N LEU A 112 -29.53 0.95 25.66
CA LEU A 112 -29.81 2.36 25.45
C LEU A 112 -30.92 2.52 24.42
N ASP A 113 -31.87 3.40 24.71
CA ASP A 113 -32.95 3.66 23.77
C ASP A 113 -32.82 5.05 23.17
N LEU A 114 -32.50 5.13 21.88
CA LEU A 114 -32.25 6.40 21.23
C LEU A 114 -33.50 7.27 21.17
N ALA A 115 -34.66 6.62 21.23
CA ALA A 115 -35.93 7.32 21.30
C ALA A 115 -35.98 8.17 22.56
N GLU A 116 -35.74 7.54 23.70
CA GLU A 116 -35.84 8.20 25.00
C GLU A 116 -34.68 9.17 25.28
N LYS A 117 -33.86 9.45 24.27
CA LYS A 117 -32.64 10.24 24.52
C LYS A 117 -32.50 11.49 23.65
N ASP A 118 -33.47 11.73 22.77
CA ASP A 118 -33.52 12.97 21.98
C ASP A 118 -32.22 13.31 21.22
N PHE A 119 -31.67 12.34 20.51
CA PHE A 119 -30.47 12.58 19.70
C PHE A 119 -30.85 12.99 18.29
N THR A 120 -30.13 13.96 17.74
CA THR A 120 -30.31 14.36 16.35
C THR A 120 -30.17 13.12 15.47
N VAL A 121 -30.89 13.08 14.36
CA VAL A 121 -30.75 11.97 13.42
C VAL A 121 -29.34 11.94 12.84
N ASN A 122 -28.80 13.10 12.51
CA ASN A 122 -27.42 13.21 12.03
C ASN A 122 -26.39 12.74 13.06
N THR A 123 -26.69 12.96 14.34
CA THR A 123 -25.80 12.50 15.40
C THR A 123 -25.76 10.98 15.44
N VAL A 124 -26.91 10.33 15.29
CA VAL A 124 -26.97 8.87 15.27
C VAL A 124 -26.36 8.31 13.99
N ALA A 125 -26.54 9.03 12.89
CA ALA A 125 -25.96 8.60 11.62
C ALA A 125 -24.44 8.67 11.69
N GLY A 126 -23.93 9.81 12.15
CA GLY A 126 -22.50 9.99 12.32
C GLY A 126 -21.88 9.04 13.34
N ALA A 127 -22.62 8.71 14.38
CA ALA A 127 -22.14 7.79 15.41
C ALA A 127 -22.10 6.36 14.88
N MET A 128 -22.96 6.07 13.91
CA MET A 128 -22.98 4.76 13.28
C MET A 128 -21.75 4.59 12.37
N LYS A 129 -21.45 5.63 11.58
CA LYS A 129 -20.24 5.60 10.77
C LYS A 129 -19.01 5.51 11.66
N SER A 130 -19.03 6.25 12.76
CA SER A 130 -17.89 6.31 13.66
C SER A 130 -17.47 4.93 14.15
N PHE A 131 -18.45 4.07 14.42
CA PHE A 131 -18.15 2.73 14.88
C PHE A 131 -17.25 2.03 13.88
N PHE A 132 -17.53 2.23 12.60
CA PHE A 132 -16.79 1.56 11.55
C PHE A 132 -15.40 2.14 11.32
N SER A 133 -15.27 3.45 11.45
CA SER A 133 -13.97 4.08 11.31
C SER A 133 -13.13 3.87 12.57
N GLU A 134 -13.75 3.39 13.64
CA GLU A 134 -13.01 3.10 14.86
C GLU A 134 -12.53 1.64 14.93
N LEU A 135 -13.08 0.79 14.08
CA LEU A 135 -12.67 -0.61 14.03
C LEU A 135 -11.20 -0.66 13.70
N PRO A 136 -10.45 -1.53 14.37
CA PRO A 136 -9.02 -1.76 14.13
C PRO A 136 -8.75 -2.05 12.67
N ASP A 137 -9.58 -2.86 12.04
CA ASP A 137 -9.48 -3.13 10.61
C ASP A 137 -10.78 -2.74 9.89
N PRO A 138 -10.65 -2.22 8.65
CA PRO A 138 -11.81 -1.73 7.91
C PRO A 138 -12.81 -2.86 7.68
N LEU A 139 -14.09 -2.53 7.62
CA LEU A 139 -15.11 -3.56 7.44
C LEU A 139 -14.78 -4.41 6.22
N VAL A 140 -14.45 -3.75 5.11
CA VAL A 140 -14.04 -4.45 3.91
C VAL A 140 -12.54 -4.62 3.99
N PRO A 141 -12.08 -5.85 4.27
CA PRO A 141 -10.66 -6.13 4.54
C PRO A 141 -9.78 -5.79 3.35
N TYR A 142 -8.55 -5.34 3.63
CA TYR A 142 -7.66 -4.88 2.57
C TYR A 142 -7.41 -5.90 1.48
N ASN A 143 -7.23 -7.16 1.86
CA ASN A 143 -7.01 -8.23 0.89
C ASN A 143 -8.18 -8.35 -0.09
N MET A 144 -9.40 -8.31 0.43
CA MET A 144 -10.59 -8.29 -0.44
C MET A 144 -10.60 -7.06 -1.34
N GLN A 145 -10.07 -5.95 -0.84
CA GLN A 145 -10.08 -4.71 -1.62
C GLN A 145 -9.30 -4.87 -2.90
N ILE A 146 -8.17 -5.55 -2.80
CA ILE A 146 -7.31 -5.77 -3.96
C ILE A 146 -8.11 -6.46 -5.05
N ASP A 147 -8.77 -7.56 -4.67
CA ASP A 147 -9.58 -8.33 -5.59
C ASP A 147 -10.74 -7.50 -6.14
N LEU A 148 -11.38 -6.75 -5.25
CA LEU A 148 -12.47 -5.89 -5.67
C LEU A 148 -11.99 -4.95 -6.77
N VAL A 149 -10.85 -4.30 -6.54
CA VAL A 149 -10.32 -3.36 -7.53
C VAL A 149 -9.98 -4.04 -8.85
N GLU A 150 -9.48 -5.27 -8.77
CA GLU A 150 -9.16 -6.03 -9.97
C GLU A 150 -10.41 -6.31 -10.81
N ALA A 151 -11.45 -6.85 -10.16
CA ALA A 151 -12.69 -7.17 -10.86
C ALA A 151 -13.22 -5.96 -11.57
N HIS A 152 -13.16 -4.82 -10.88
CA HIS A 152 -13.63 -3.55 -11.43
C HIS A 152 -13.01 -3.19 -12.79
N LYS A 153 -11.87 -3.80 -13.11
CA LYS A 153 -11.21 -3.53 -14.38
C LYS A 153 -12.05 -4.04 -15.54
N ILE A 154 -12.80 -5.10 -15.30
CA ILE A 154 -13.68 -5.66 -16.33
C ILE A 154 -14.72 -4.62 -16.76
N ASN A 155 -14.70 -4.27 -18.04
CA ASN A 155 -15.52 -3.19 -18.56
C ASN A 155 -16.99 -3.55 -18.78
N ASP A 156 -17.27 -4.79 -19.16
CA ASP A 156 -18.63 -5.21 -19.42
C ASP A 156 -19.37 -5.30 -18.09
N ARG A 157 -20.55 -4.70 -18.02
CA ARG A 157 -21.24 -4.55 -16.74
C ARG A 157 -21.63 -5.87 -16.07
N GLU A 158 -22.27 -6.77 -16.82
CA GLU A 158 -22.64 -8.05 -16.24
C GLU A 158 -21.41 -8.84 -15.79
N GLN A 159 -20.39 -8.88 -16.63
CA GLN A 159 -19.14 -9.56 -16.30
C GLN A 159 -18.57 -8.99 -15.01
N LYS A 160 -18.51 -7.66 -14.96
CA LYS A 160 -17.99 -6.95 -13.80
C LYS A 160 -18.71 -7.34 -12.54
N LEU A 161 -20.04 -7.38 -12.60
CA LEU A 161 -20.80 -7.68 -11.41
C LEU A 161 -20.56 -9.11 -10.93
N HIS A 162 -20.41 -10.05 -11.88
CA HIS A 162 -20.11 -11.44 -11.48
C HIS A 162 -18.75 -11.49 -10.78
N ALA A 163 -17.75 -10.88 -11.41
CA ALA A 163 -16.41 -10.79 -10.84
C ALA A 163 -16.50 -10.28 -9.41
N LEU A 164 -17.25 -9.19 -9.22
CA LEU A 164 -17.40 -8.59 -7.91
C LEU A 164 -18.09 -9.53 -6.93
N LYS A 165 -19.15 -10.17 -7.36
CA LYS A 165 -19.86 -11.07 -6.48
C LYS A 165 -18.94 -12.22 -6.07
N GLU A 166 -18.03 -12.58 -6.95
CA GLU A 166 -17.07 -13.63 -6.65
C GLU A 166 -16.18 -13.24 -5.48
N VAL A 167 -15.63 -12.03 -5.51
CA VAL A 167 -14.85 -11.54 -4.39
C VAL A 167 -15.70 -11.55 -3.14
N LEU A 168 -16.96 -11.14 -3.31
CA LEU A 168 -17.88 -11.04 -2.19
C LEU A 168 -18.03 -12.38 -1.49
N LYS A 169 -17.85 -13.47 -2.24
CA LYS A 169 -17.91 -14.83 -1.68
C LYS A 169 -16.70 -15.14 -0.79
N LYS A 170 -15.60 -14.45 -1.03
CA LYS A 170 -14.38 -14.71 -0.28
C LYS A 170 -14.25 -13.89 1.00
N PHE A 171 -15.24 -13.03 1.27
CA PHE A 171 -15.23 -12.23 2.48
C PHE A 171 -15.24 -13.14 3.70
N PRO A 172 -14.49 -12.79 4.75
CA PRO A 172 -14.70 -13.40 6.06
C PRO A 172 -16.17 -13.28 6.41
N LYS A 173 -16.77 -14.32 6.96
CA LYS A 173 -18.22 -14.32 7.16
C LYS A 173 -18.68 -13.23 8.12
N GLU A 174 -17.90 -12.97 9.16
CA GLU A 174 -18.25 -11.93 10.11
C GLU A 174 -18.45 -10.61 9.37
N ASN A 175 -17.49 -10.25 8.53
CA ASN A 175 -17.55 -9.01 7.78
C ASN A 175 -18.66 -9.04 6.74
N HIS A 176 -18.79 -10.16 6.03
CA HIS A 176 -19.75 -10.27 4.96
C HIS A 176 -21.15 -9.95 5.47
N GLU A 177 -21.45 -10.45 6.67
CA GLU A 177 -22.75 -10.20 7.29
C GLU A 177 -22.98 -8.71 7.59
N VAL A 178 -22.02 -8.09 8.26
CA VAL A 178 -22.14 -6.66 8.57
C VAL A 178 -22.16 -5.85 7.30
N PHE A 179 -21.29 -6.17 6.35
CA PHE A 179 -21.31 -5.51 5.05
C PHE A 179 -22.69 -5.62 4.41
N LYS A 180 -23.25 -6.83 4.40
CA LYS A 180 -24.56 -7.06 3.83
C LYS A 180 -25.57 -6.14 4.50
N TYR A 181 -25.58 -6.15 5.83
CA TYR A 181 -26.52 -5.34 6.61
C TYR A 181 -26.43 -3.85 6.26
N VAL A 182 -25.22 -3.31 6.38
CA VAL A 182 -25.00 -1.90 6.08
C VAL A 182 -25.43 -1.56 4.66
N ILE A 183 -24.97 -2.36 3.69
CA ILE A 183 -25.27 -2.06 2.30
C ILE A 183 -26.76 -2.07 2.01
N SER A 184 -27.48 -3.07 2.51
CA SER A 184 -28.92 -3.09 2.25
C SER A 184 -29.57 -1.87 2.86
N HIS A 185 -29.14 -1.52 4.07
CA HIS A 185 -29.63 -0.30 4.71
C HIS A 185 -29.43 0.91 3.79
N LEU A 186 -28.24 1.03 3.22
CA LEU A 186 -27.93 2.15 2.34
C LEU A 186 -28.78 2.06 1.09
N ASN A 187 -29.01 0.83 0.63
CA ASN A 187 -29.85 0.65 -0.53
C ASN A 187 -31.23 1.23 -0.25
N LYS A 188 -31.71 1.03 0.97
CA LYS A 188 -33.01 1.53 1.36
C LYS A 188 -33.03 3.06 1.45
N VAL A 189 -32.05 3.63 2.14
CA VAL A 189 -31.98 5.08 2.22
C VAL A 189 -32.05 5.65 0.80
N SER A 190 -31.40 4.97 -0.14
CA SER A 190 -31.32 5.46 -1.50
C SER A 190 -32.67 5.44 -2.21
N HIS A 191 -33.60 4.61 -1.74
CA HIS A 191 -34.91 4.53 -2.38
C HIS A 191 -35.75 5.78 -2.12
N ASN A 192 -35.30 6.62 -1.20
CA ASN A 192 -36.00 7.86 -0.92
C ASN A 192 -35.20 9.09 -1.37
N ASN A 193 -34.37 8.91 -2.40
CA ASN A 193 -33.43 9.97 -2.79
C ASN A 193 -34.09 11.26 -3.29
N LYS A 194 -35.28 11.14 -3.90
CA LYS A 194 -36.01 12.32 -4.34
C LYS A 194 -36.20 13.26 -3.17
N VAL A 195 -36.40 12.68 -1.98
CA VAL A 195 -36.60 13.46 -0.78
C VAL A 195 -35.29 13.73 -0.04
N ASN A 196 -34.58 12.67 0.34
CA ASN A 196 -33.40 12.84 1.18
C ASN A 196 -32.15 13.19 0.38
N LEU A 197 -32.26 13.14 -0.95
CA LEU A 197 -31.21 13.60 -1.85
C LEU A 197 -30.01 12.66 -1.92
N MET A 198 -30.09 11.53 -1.23
CA MET A 198 -28.98 10.62 -1.19
C MET A 198 -29.15 9.44 -2.13
N THR A 199 -28.78 9.65 -3.40
CA THR A 199 -28.68 8.57 -4.37
C THR A 199 -27.59 7.57 -3.94
N SER A 200 -27.57 6.39 -4.55
CA SER A 200 -26.54 5.42 -4.23
C SER A 200 -25.13 5.97 -4.50
N GLU A 201 -25.00 6.78 -5.55
CA GLU A 201 -23.72 7.45 -5.79
C GLU A 201 -23.32 8.29 -4.58
N ASN A 202 -24.23 9.15 -4.14
CA ASN A 202 -23.96 9.97 -2.96
C ASN A 202 -23.60 9.14 -1.73
N LEU A 203 -24.39 8.10 -1.48
CA LEU A 203 -24.17 7.28 -0.30
C LEU A 203 -22.79 6.63 -0.27
N SER A 204 -22.29 6.15 -1.42
CA SER A 204 -20.94 5.59 -1.47
C SER A 204 -19.89 6.66 -1.20
N ILE A 205 -20.17 7.88 -1.65
CA ILE A 205 -19.28 9.00 -1.40
C ILE A 205 -19.10 9.21 0.11
N CYS A 206 -20.16 9.04 0.88
CA CYS A 206 -20.05 9.15 2.33
C CYS A 206 -19.45 7.91 2.95
N PHE A 207 -19.53 6.78 2.26
CA PHE A 207 -19.21 5.52 2.92
C PHE A 207 -17.90 4.81 2.54
N TRP A 208 -17.43 4.97 1.31
CA TRP A 208 -16.28 4.17 0.87
C TRP A 208 -15.01 4.41 1.69
N PRO A 209 -14.75 5.67 2.08
CA PRO A 209 -13.59 5.88 2.95
C PRO A 209 -13.76 5.16 4.28
N THR A 210 -14.96 5.26 4.85
CA THR A 210 -15.21 4.66 6.15
C THR A 210 -15.10 3.14 6.11
N LEU A 211 -15.68 2.54 5.07
CA LEU A 211 -15.73 1.08 4.98
C LEU A 211 -14.44 0.46 4.47
N MET A 212 -13.59 1.24 3.82
CA MET A 212 -12.39 0.68 3.20
C MET A 212 -11.06 1.24 3.70
N ARG A 213 -11.04 2.48 4.17
CA ARG A 213 -9.80 3.06 4.71
C ARG A 213 -8.61 2.94 3.79
N PRO A 214 -8.72 3.42 2.54
CA PRO A 214 -7.61 3.24 1.62
C PRO A 214 -6.37 3.96 2.13
N ASP A 215 -5.19 3.41 1.92
CA ASP A 215 -3.97 4.12 2.30
C ASP A 215 -3.45 4.88 1.08
N PHE A 216 -3.37 6.20 1.20
CA PHE A 216 -3.07 7.03 0.03
C PHE A 216 -1.61 7.39 -0.19
N SER A 217 -0.74 6.60 0.41
CA SER A 217 0.65 6.53 -0.01
C SER A 217 0.83 5.16 -0.67
N THR A 218 -0.16 4.79 -1.48
CA THR A 218 -0.19 3.47 -2.14
C THR A 218 -0.96 3.52 -3.45
N MET A 219 -1.49 4.69 -3.77
CA MET A 219 -2.28 4.94 -4.98
C MET A 219 -2.55 6.43 -5.10
N ASP A 220 -2.80 6.90 -6.31
CA ASP A 220 -3.18 8.28 -6.53
C ASP A 220 -4.54 8.55 -5.90
N ALA A 221 -4.62 9.58 -5.05
CA ALA A 221 -5.86 9.87 -4.31
C ALA A 221 -7.08 10.06 -5.20
N LEU A 222 -6.96 10.80 -6.29
CA LEU A 222 -8.11 11.01 -7.20
C LEU A 222 -8.57 9.74 -7.95
N THR A 223 -7.63 8.96 -8.49
CA THR A 223 -8.02 7.75 -9.20
C THR A 223 -8.58 6.69 -8.24
N ALA A 224 -7.94 6.55 -7.07
CA ALA A 224 -8.42 5.61 -6.07
C ALA A 224 -9.81 6.06 -5.63
N THR A 225 -10.05 7.35 -5.69
CA THR A 225 -11.34 7.87 -5.28
C THR A 225 -12.43 7.36 -6.22
N ARG A 226 -12.26 7.53 -7.52
CA ARG A 226 -13.30 7.14 -8.48
C ARG A 226 -13.53 5.64 -8.39
N THR A 227 -12.46 4.89 -8.16
CA THR A 227 -12.53 3.43 -8.14
C THR A 227 -13.30 2.89 -6.95
N TYR A 228 -12.95 3.32 -5.75
CA TYR A 228 -13.66 2.87 -4.56
C TYR A 228 -15.10 3.37 -4.56
N GLN A 229 -15.29 4.61 -4.99
CA GLN A 229 -16.62 5.20 -4.98
C GLN A 229 -17.56 4.34 -5.81
N THR A 230 -17.15 4.05 -7.04
CA THR A 230 -17.97 3.24 -7.93
C THR A 230 -18.21 1.82 -7.39
N ILE A 231 -17.19 1.22 -6.80
CA ILE A 231 -17.35 -0.13 -6.32
C ILE A 231 -18.48 -0.15 -5.29
N ILE A 232 -18.40 0.73 -4.30
CA ILE A 232 -19.43 0.77 -3.26
C ILE A 232 -20.79 1.17 -3.82
N GLU A 233 -20.80 2.04 -4.82
CA GLU A 233 -22.05 2.45 -5.44
C GLU A 233 -22.72 1.24 -6.07
N LEU A 234 -21.93 0.35 -6.65
CA LEU A 234 -22.48 -0.85 -7.29
C LEU A 234 -23.07 -1.80 -6.25
N PHE A 235 -22.36 -1.96 -5.13
CA PHE A 235 -22.85 -2.82 -4.09
C PHE A 235 -24.18 -2.29 -3.54
N ILE A 236 -24.29 -0.97 -3.50
CA ILE A 236 -25.49 -0.34 -2.98
C ILE A 236 -26.64 -0.46 -3.98
N GLN A 237 -26.35 -0.13 -5.24
CA GLN A 237 -27.40 -0.11 -6.25
C GLN A 237 -27.79 -1.51 -6.68
N GLN A 238 -26.82 -2.42 -6.69
CA GLN A 238 -27.11 -3.79 -7.10
C GLN A 238 -27.22 -4.70 -5.89
N CYS A 239 -27.55 -4.11 -4.76
CA CYS A 239 -27.77 -4.82 -3.52
C CYS A 239 -28.51 -6.17 -3.72
N PRO A 240 -29.67 -6.16 -4.42
CA PRO A 240 -30.41 -7.41 -4.62
C PRO A 240 -29.58 -8.50 -5.31
N PHE A 241 -28.85 -8.14 -6.36
CA PHE A 241 -28.03 -9.09 -7.08
C PHE A 241 -26.93 -9.63 -6.20
N PHE A 242 -26.37 -8.77 -5.35
CA PHE A 242 -25.27 -9.19 -4.49
C PHE A 242 -25.70 -9.92 -3.23
N PHE A 243 -26.93 -9.69 -2.77
CA PHE A 243 -27.30 -10.15 -1.42
C PHE A 243 -28.64 -10.86 -1.22
N TYR A 244 -29.42 -11.09 -2.28
CA TYR A 244 -30.75 -11.68 -2.11
C TYR A 244 -30.79 -13.20 -2.22
N TRP B 49 24.38 -2.76 17.19
CA TRP B 49 25.35 -1.68 17.45
C TRP B 49 24.88 -0.30 16.97
N GLU B 50 25.57 0.74 17.44
CA GLU B 50 25.17 2.12 17.19
C GLU B 50 26.07 2.83 16.19
N SER B 51 25.56 3.06 14.98
CA SER B 51 26.37 3.67 13.93
C SER B 51 25.93 5.08 13.56
N ASN B 52 26.90 5.91 13.22
CA ASN B 52 26.65 7.25 12.73
C ASN B 52 26.50 7.25 11.21
N TYR B 53 26.84 6.12 10.59
CA TYR B 53 26.89 6.02 9.12
C TYR B 53 25.83 5.10 8.55
N PHE B 54 25.68 3.92 9.13
CA PHE B 54 24.67 2.98 8.68
C PHE B 54 23.36 3.15 9.44
N GLY B 55 22.25 2.93 8.73
CA GLY B 55 20.93 3.09 9.32
C GLY B 55 20.53 4.54 9.55
N VAL B 56 21.27 5.47 8.96
CA VAL B 56 20.92 6.89 9.04
C VAL B 56 20.46 7.38 7.68
N PRO B 57 19.65 8.45 7.65
CA PRO B 57 19.11 9.03 6.41
C PRO B 57 20.16 9.19 5.32
N LEU B 58 19.75 9.04 4.08
CA LEU B 58 20.69 9.05 2.95
C LEU B 58 21.43 10.38 2.87
N THR B 59 20.72 11.49 3.05
CA THR B 59 21.31 12.81 2.93
C THR B 59 22.43 13.08 3.95
N THR B 60 22.40 12.35 5.05
CA THR B 60 23.40 12.47 6.11
C THR B 60 24.78 11.97 5.70
N VAL B 61 24.80 11.05 4.74
CA VAL B 61 26.05 10.45 4.28
C VAL B 61 26.39 10.80 2.83
N VAL B 62 25.73 11.82 2.28
CA VAL B 62 26.08 12.35 0.96
C VAL B 62 26.00 13.86 0.91
N THR B 63 26.78 14.46 0.02
CA THR B 63 26.73 15.90 -0.24
C THR B 63 26.40 16.09 -1.72
N PRO B 64 25.94 17.29 -2.11
CA PRO B 64 25.67 17.47 -3.54
C PRO B 64 26.95 17.43 -4.37
N GLU B 65 28.10 17.63 -3.72
CA GLU B 65 29.40 17.68 -4.41
C GLU B 65 30.03 16.29 -4.46
N LYS B 66 29.68 15.45 -3.49
CA LYS B 66 30.12 14.06 -3.44
C LYS B 66 28.91 13.18 -3.12
N PRO B 67 28.03 12.95 -4.13
CA PRO B 67 26.65 12.43 -4.02
C PRO B 67 26.55 10.94 -3.72
N ILE B 68 27.61 10.20 -4.01
CA ILE B 68 27.65 8.77 -3.74
C ILE B 68 28.26 8.55 -2.37
N PRO B 69 27.57 7.81 -1.50
CA PRO B 69 28.14 7.44 -0.20
C PRO B 69 29.49 6.78 -0.38
N ILE B 70 30.49 7.20 0.41
CA ILE B 70 31.84 6.68 0.27
C ILE B 70 31.88 5.15 0.41
N PHE B 71 31.08 4.61 1.32
CA PHE B 71 31.01 3.17 1.50
C PHE B 71 30.59 2.49 0.20
N ILE B 72 29.63 3.09 -0.50
CA ILE B 72 29.12 2.52 -1.75
C ILE B 72 30.17 2.56 -2.85
N GLU B 73 30.92 3.66 -2.91
CA GLU B 73 32.07 3.74 -3.79
C GLU B 73 33.10 2.63 -3.51
N ARG B 74 33.52 2.46 -2.26
CA ARG B 74 34.51 1.43 -1.93
C ARG B 74 34.08 0.07 -2.42
N CYS B 75 32.84 -0.32 -2.10
CA CYS B 75 32.38 -1.67 -2.38
C CYS B 75 32.20 -1.90 -3.87
N ILE B 76 31.60 -0.93 -4.55
CA ILE B 76 31.32 -1.09 -5.98
C ILE B 76 32.63 -1.10 -6.77
N GLU B 77 33.52 -0.19 -6.44
CA GLU B 77 34.81 -0.13 -7.11
C GLU B 77 35.64 -1.39 -6.85
N TYR B 78 35.50 -1.96 -5.65
CA TYR B 78 36.25 -3.16 -5.29
C TYR B 78 35.65 -4.38 -5.96
N ILE B 79 34.32 -4.41 -6.00
CA ILE B 79 33.60 -5.51 -6.65
C ILE B 79 33.85 -5.49 -8.15
N GLU B 80 33.97 -4.30 -8.72
CA GLU B 80 34.25 -4.18 -10.15
C GLU B 80 35.67 -4.65 -10.48
N ALA B 81 36.58 -4.45 -9.52
CA ALA B 81 37.97 -4.85 -9.71
C ALA B 81 38.25 -6.28 -9.23
N THR B 82 37.33 -6.86 -8.47
CA THR B 82 37.60 -8.17 -7.88
C THR B 82 36.56 -9.26 -8.19
N GLY B 83 35.31 -8.86 -8.44
CA GLY B 83 34.23 -9.83 -8.53
C GLY B 83 33.30 -9.91 -9.74
N LEU B 84 33.64 -9.23 -10.83
CA LEU B 84 32.82 -9.27 -12.05
C LEU B 84 32.67 -10.66 -12.69
N SER B 85 33.53 -11.61 -12.31
CA SER B 85 33.49 -12.96 -12.88
C SER B 85 33.00 -14.03 -11.88
N THR B 86 32.67 -13.62 -10.67
CA THR B 86 32.22 -14.58 -9.66
C THR B 86 30.78 -15.04 -9.89
N GLU B 87 30.60 -16.35 -10.00
CA GLU B 87 29.26 -16.88 -10.26
C GLU B 87 28.30 -16.39 -9.21
N GLY B 88 27.12 -15.95 -9.66
CA GLY B 88 26.01 -15.59 -8.80
C GLY B 88 26.25 -14.41 -7.90
N ILE B 89 27.20 -13.56 -8.26
CA ILE B 89 27.47 -12.38 -7.45
C ILE B 89 26.19 -11.60 -7.20
N TYR B 90 25.99 -11.19 -5.94
CA TYR B 90 24.77 -10.51 -5.46
C TYR B 90 23.59 -11.44 -5.17
N ARG B 91 23.56 -12.59 -5.83
CA ARG B 91 22.51 -13.57 -5.61
C ARG B 91 22.86 -14.46 -4.41
N VAL B 92 24.11 -14.89 -4.37
CA VAL B 92 24.63 -15.65 -3.25
C VAL B 92 24.73 -14.77 -2.01
N SER B 93 24.21 -15.27 -0.89
CA SER B 93 24.34 -14.53 0.36
C SER B 93 25.67 -14.84 1.04
N GLY B 94 26.22 -13.85 1.72
CA GLY B 94 27.53 -14.01 2.32
C GLY B 94 27.48 -14.20 3.83
N ASN B 95 28.65 -14.40 4.42
CA ASN B 95 28.75 -14.54 5.87
C ASN B 95 28.23 -13.29 6.57
N LYS B 96 27.16 -13.44 7.34
CA LYS B 96 26.54 -12.30 8.02
C LYS B 96 27.51 -11.68 9.03
N SER B 97 28.37 -12.51 9.62
CA SER B 97 29.38 -12.02 10.57
C SER B 97 30.45 -11.17 9.84
N GLU B 98 30.87 -11.65 8.68
CA GLU B 98 31.88 -10.94 7.90
C GLU B 98 31.40 -9.57 7.39
N MET B 99 30.11 -9.46 7.11
CA MET B 99 29.57 -8.17 6.66
C MET B 99 29.49 -7.20 7.82
N GLU B 100 28.90 -7.66 8.93
CA GLU B 100 28.79 -6.85 10.13
C GLU B 100 30.18 -6.33 10.49
N SER B 101 31.15 -7.21 10.34
CA SER B 101 32.55 -6.87 10.56
C SER B 101 33.00 -5.75 9.63
N LEU B 102 32.84 -5.95 8.32
CA LEU B 102 33.22 -4.96 7.31
C LEU B 102 32.55 -3.61 7.58
N GLN B 103 31.26 -3.66 7.90
CA GLN B 103 30.56 -2.43 8.24
C GLN B 103 31.15 -1.77 9.49
N ARG B 104 31.36 -2.57 10.53
CA ARG B 104 31.92 -2.05 11.78
C ARG B 104 33.29 -1.43 11.54
N GLN B 105 34.14 -2.14 10.81
CA GLN B 105 35.49 -1.66 10.55
C GLN B 105 35.49 -0.40 9.71
N PHE B 106 34.55 -0.30 8.78
CA PHE B 106 34.43 0.90 7.97
C PHE B 106 33.97 2.04 8.88
N ASP B 107 33.01 1.73 9.75
CA ASP B 107 32.48 2.70 10.69
C ASP B 107 33.62 3.36 11.48
N GLN B 108 34.65 2.58 11.80
CA GLN B 108 35.77 3.09 12.60
C GLN B 108 36.61 4.09 11.81
N ASP B 109 37.08 3.69 10.64
CA ASP B 109 37.69 4.66 9.72
C ASP B 109 37.27 4.49 8.24
N HIS B 110 36.92 5.60 7.62
CA HIS B 110 36.28 5.60 6.31
C HIS B 110 37.27 5.40 5.17
N ASN B 111 38.56 5.35 5.50
CA ASN B 111 39.59 5.13 4.48
C ASN B 111 39.93 3.67 4.37
N LEU B 112 39.10 2.83 4.99
CA LEU B 112 39.30 1.39 4.98
C LEU B 112 39.63 0.91 3.57
N ASP B 113 40.63 0.05 3.46
CA ASP B 113 40.99 -0.50 2.16
C ASP B 113 40.65 -1.98 2.08
N LEU B 114 39.65 -2.31 1.26
CA LEU B 114 39.16 -3.68 1.20
C LEU B 114 40.20 -4.63 0.63
N ALA B 115 41.16 -4.07 -0.11
CA ALA B 115 42.27 -4.83 -0.63
C ALA B 115 43.11 -5.38 0.52
N GLU B 116 43.51 -4.49 1.41
CA GLU B 116 44.37 -4.86 2.53
C GLU B 116 43.65 -5.64 3.64
N LYS B 117 42.42 -6.08 3.39
CA LYS B 117 41.62 -6.70 4.45
C LYS B 117 41.08 -8.09 4.13
N ASP B 118 41.40 -8.60 2.93
CA ASP B 118 41.06 -9.98 2.56
C ASP B 118 39.59 -10.39 2.79
N PHE B 119 38.65 -9.57 2.33
CA PHE B 119 37.24 -9.90 2.44
C PHE B 119 36.76 -10.64 1.19
N THR B 120 35.92 -11.64 1.39
CA THR B 120 35.32 -12.35 0.28
C THR B 120 34.62 -11.33 -0.62
N VAL B 121 34.55 -11.62 -1.92
CA VAL B 121 33.83 -10.75 -2.84
C VAL B 121 32.34 -10.72 -2.47
N ASN B 122 31.79 -11.88 -2.16
CA ASN B 122 30.40 -12.00 -1.72
C ASN B 122 30.12 -11.22 -0.44
N THR B 123 31.12 -11.13 0.41
CA THR B 123 30.97 -10.41 1.66
C THR B 123 30.84 -8.92 1.38
N VAL B 124 31.64 -8.43 0.43
CA VAL B 124 31.59 -7.01 0.07
C VAL B 124 30.32 -6.71 -0.72
N ALA B 125 29.88 -7.67 -1.52
CA ALA B 125 28.65 -7.51 -2.28
C ALA B 125 27.45 -7.43 -1.34
N GLY B 126 27.38 -8.36 -0.39
CA GLY B 126 26.31 -8.40 0.59
C GLY B 126 26.34 -7.20 1.53
N ALA B 127 27.53 -6.72 1.86
CA ALA B 127 27.66 -5.55 2.71
C ALA B 127 27.23 -4.27 1.98
N MET B 128 27.37 -4.28 0.66
CA MET B 128 26.93 -3.15 -0.15
C MET B 128 25.39 -3.10 -0.20
N LYS B 129 24.76 -4.26 -0.43
CA LYS B 129 23.31 -4.33 -0.36
C LYS B 129 22.82 -3.92 1.02
N SER B 130 23.49 -4.43 2.05
CA SER B 130 23.08 -4.19 3.43
C SER B 130 22.93 -2.70 3.74
N PHE B 131 23.82 -1.88 3.18
CA PHE B 131 23.75 -0.45 3.42
C PHE B 131 22.40 0.10 2.97
N PHE B 132 21.90 -0.43 1.87
CA PHE B 132 20.65 0.05 1.30
C PHE B 132 19.42 -0.46 2.04
N SER B 133 19.47 -1.69 2.52
CA SER B 133 18.36 -2.23 3.30
C SER B 133 18.37 -1.69 4.72
N GLU B 134 19.46 -1.01 5.11
CA GLU B 134 19.55 -0.42 6.44
C GLU B 134 19.10 1.04 6.45
N LEU B 135 19.03 1.65 5.26
CA LEU B 135 18.58 3.04 5.14
C LEU B 135 17.17 3.11 5.69
N PRO B 136 16.88 4.15 6.49
CA PRO B 136 15.56 4.43 7.05
C PRO B 136 14.48 4.41 5.97
N ASP B 137 14.76 5.02 4.82
CA ASP B 137 13.84 4.97 3.69
C ASP B 137 14.50 4.33 2.47
N PRO B 138 13.72 3.58 1.68
CA PRO B 138 14.28 2.84 0.54
C PRO B 138 14.89 3.81 -0.46
N LEU B 139 15.93 3.38 -1.17
CA LEU B 139 16.58 4.25 -2.13
C LEU B 139 15.56 4.80 -3.11
N VAL B 140 14.69 3.94 -3.60
CA VAL B 140 13.63 4.38 -4.49
C VAL B 140 12.42 4.70 -3.62
N PRO B 141 12.14 6.00 -3.41
CA PRO B 141 11.13 6.43 -2.46
C PRO B 141 9.74 5.89 -2.82
N TYR B 142 8.93 5.63 -1.81
CA TYR B 142 7.64 4.99 -2.03
C TYR B 142 6.73 5.76 -2.97
N ASN B 143 6.72 7.09 -2.85
CA ASN B 143 5.90 7.92 -3.72
C ASN B 143 6.28 7.73 -5.19
N MET B 144 7.58 7.69 -5.48
CA MET B 144 8.05 7.40 -6.84
C MET B 144 7.65 6.00 -7.29
N GLN B 145 7.58 5.07 -6.35
CA GLN B 145 7.21 3.71 -6.70
C GLN B 145 5.83 3.66 -7.29
N ILE B 146 4.92 4.43 -6.72
CA ILE B 146 3.53 4.44 -7.18
C ILE B 146 3.50 4.81 -8.65
N ASP B 147 4.18 5.91 -8.98
CA ASP B 147 4.28 6.40 -10.35
C ASP B 147 4.99 5.40 -11.26
N LEU B 148 6.06 4.82 -10.74
CA LEU B 148 6.77 3.79 -11.48
C LEU B 148 5.80 2.68 -11.87
N VAL B 149 5.03 2.19 -10.90
CA VAL B 149 4.12 1.08 -11.16
C VAL B 149 3.04 1.47 -12.16
N GLU B 150 2.60 2.72 -12.10
CA GLU B 150 1.59 3.22 -13.04
C GLU B 150 2.13 3.20 -14.45
N ALA B 151 3.30 3.79 -14.66
CA ALA B 151 3.90 3.84 -15.99
C ALA B 151 4.00 2.45 -16.59
N HIS B 152 4.40 1.50 -15.75
CA HIS B 152 4.56 0.11 -16.16
C HIS B 152 3.31 -0.50 -16.81
N LYS B 153 2.15 0.09 -16.53
CA LYS B 153 0.89 -0.37 -17.10
C LYS B 153 0.87 -0.19 -18.61
N ILE B 154 1.60 0.80 -19.09
CA ILE B 154 1.66 1.05 -20.53
C ILE B 154 2.32 -0.13 -21.21
N ASN B 155 1.61 -0.75 -22.14
CA ASN B 155 2.07 -1.99 -22.78
C ASN B 155 3.12 -1.78 -23.87
N ASP B 156 3.03 -0.70 -24.61
CA ASP B 156 3.97 -0.46 -25.70
C ASP B 156 5.32 -0.11 -25.10
N ARG B 157 6.37 -0.75 -25.59
CA ARG B 157 7.67 -0.69 -24.93
C ARG B 157 8.29 0.71 -24.91
N GLU B 158 8.35 1.36 -26.07
CA GLU B 158 8.89 2.71 -26.13
C GLU B 158 8.08 3.67 -25.25
N GLN B 159 6.75 3.62 -25.35
CA GLN B 159 5.89 4.45 -24.51
C GLN B 159 6.19 4.20 -23.04
N LYS B 160 6.30 2.93 -22.68
CA LYS B 160 6.55 2.54 -21.31
C LYS B 160 7.83 3.18 -20.82
N LEU B 161 8.86 3.10 -21.64
CA LEU B 161 10.16 3.59 -21.20
C LEU B 161 10.14 5.10 -21.01
N HIS B 162 9.45 5.82 -21.90
CA HIS B 162 9.30 7.27 -21.71
C HIS B 162 8.60 7.59 -20.39
N ALA B 163 7.43 6.96 -20.18
CA ALA B 163 6.70 7.07 -18.94
C ALA B 163 7.63 6.88 -17.74
N LEU B 164 8.44 5.84 -17.80
CA LEU B 164 9.33 5.51 -16.70
C LEU B 164 10.38 6.58 -16.52
N LYS B 165 10.96 7.04 -17.62
CA LYS B 165 12.00 8.05 -17.53
C LYS B 165 11.41 9.32 -16.93
N GLU B 166 10.14 9.58 -17.23
CA GLU B 166 9.45 10.72 -16.65
C GLU B 166 9.42 10.66 -15.13
N VAL B 167 9.06 9.50 -14.57
CA VAL B 167 9.06 9.36 -13.12
C VAL B 167 10.47 9.59 -12.64
N LEU B 168 11.42 9.07 -13.41
CA LEU B 168 12.82 9.14 -13.02
C LEU B 168 13.25 10.59 -12.84
N LYS B 169 12.61 11.51 -13.57
CA LYS B 169 12.88 12.94 -13.48
C LYS B 169 12.38 13.55 -12.17
N LYS B 170 11.42 12.88 -11.54
CA LYS B 170 10.81 13.40 -10.32
C LYS B 170 11.50 12.89 -9.06
N PHE B 171 12.50 12.05 -9.22
CA PHE B 171 13.25 11.55 -8.07
C PHE B 171 13.90 12.72 -7.34
N PRO B 172 13.88 12.68 -6.01
CA PRO B 172 14.77 13.54 -5.23
C PRO B 172 16.19 13.38 -5.79
N LYS B 173 16.94 14.47 -5.92
CA LYS B 173 18.24 14.39 -6.58
C LYS B 173 19.24 13.50 -5.85
N GLU B 174 19.20 13.55 -4.52
CA GLU B 174 20.08 12.73 -3.72
C GLU B 174 19.93 11.26 -4.14
N ASN B 175 18.69 10.80 -4.16
CA ASN B 175 18.41 9.42 -4.51
C ASN B 175 18.70 9.12 -5.97
N HIS B 176 18.34 10.05 -6.85
CA HIS B 176 18.51 9.84 -8.27
C HIS B 176 19.96 9.55 -8.60
N GLU B 177 20.86 10.29 -7.97
CA GLU B 177 22.29 10.07 -8.13
C GLU B 177 22.74 8.68 -7.68
N VAL B 178 22.34 8.29 -6.47
CA VAL B 178 22.72 6.97 -5.96
C VAL B 178 22.08 5.87 -6.79
N PHE B 179 20.81 6.05 -7.11
CA PHE B 179 20.15 5.10 -8.00
C PHE B 179 20.92 4.97 -9.31
N LYS B 180 21.27 6.10 -9.91
CA LYS B 180 22.00 6.09 -11.17
C LYS B 180 23.28 5.27 -11.03
N TYR B 181 24.04 5.57 -9.99
CA TYR B 181 25.32 4.88 -9.73
C TYR B 181 25.13 3.37 -9.61
N VAL B 182 24.26 2.97 -8.70
CA VAL B 182 24.01 1.55 -8.49
C VAL B 182 23.56 0.87 -9.78
N ILE B 183 22.60 1.47 -10.47
CA ILE B 183 22.03 0.84 -11.66
C ILE B 183 23.09 0.69 -12.76
N SER B 184 23.90 1.72 -12.98
CA SER B 184 24.93 1.56 -14.01
C SER B 184 25.89 0.47 -13.62
N HIS B 185 26.28 0.43 -12.34
CA HIS B 185 27.12 -0.66 -11.84
C HIS B 185 26.50 -2.02 -12.15
N LEU B 186 25.20 -2.17 -11.91
CA LEU B 186 24.52 -3.43 -12.20
C LEU B 186 24.51 -3.67 -13.68
N ASN B 187 24.36 -2.60 -14.45
CA ASN B 187 24.37 -2.76 -15.89
C ASN B 187 25.69 -3.38 -16.33
N LYS B 188 26.77 -2.94 -15.68
CA LYS B 188 28.09 -3.45 -16.01
C LYS B 188 28.26 -4.92 -15.59
N VAL B 189 27.87 -5.25 -14.36
CA VAL B 189 27.94 -6.63 -13.94
C VAL B 189 27.25 -7.51 -14.97
N SER B 190 26.11 -7.04 -15.46
CA SER B 190 25.30 -7.81 -16.41
C SER B 190 25.98 -8.02 -17.76
N HIS B 191 26.97 -7.19 -18.09
CA HIS B 191 27.67 -7.37 -19.35
C HIS B 191 28.57 -8.60 -19.33
N ASN B 192 28.81 -9.16 -18.15
CA ASN B 192 29.63 -10.36 -18.05
C ASN B 192 28.81 -11.58 -17.66
N ASN B 193 27.53 -11.57 -17.99
CA ASN B 193 26.60 -12.62 -17.57
C ASN B 193 26.92 -14.03 -18.08
N LYS B 194 27.54 -14.15 -19.26
CA LYS B 194 27.99 -15.45 -19.76
C LYS B 194 28.87 -16.10 -18.72
N VAL B 195 29.69 -15.29 -18.06
CA VAL B 195 30.58 -15.79 -17.03
C VAL B 195 29.94 -15.80 -15.64
N ASN B 196 29.49 -14.64 -15.18
CA ASN B 196 29.03 -14.51 -13.80
C ASN B 196 27.57 -14.92 -13.63
N LEU B 197 26.91 -15.19 -14.75
CA LEU B 197 25.56 -15.76 -14.75
C LEU B 197 24.48 -14.77 -14.32
N MET B 198 24.88 -13.53 -14.07
CA MET B 198 23.93 -12.52 -13.62
C MET B 198 23.45 -11.61 -14.75
N THR B 199 22.45 -12.09 -15.49
CA THR B 199 21.72 -11.25 -16.43
C THR B 199 20.99 -10.09 -15.70
N SER B 200 20.55 -9.08 -16.45
CA SER B 200 19.83 -7.98 -15.84
C SER B 200 18.56 -8.47 -15.12
N GLU B 201 17.91 -9.48 -15.68
CA GLU B 201 16.78 -10.09 -14.99
C GLU B 201 17.19 -10.62 -13.61
N ASN B 202 18.26 -11.42 -13.60
CA ASN B 202 18.76 -11.92 -12.32
C ASN B 202 19.12 -10.80 -11.34
N LEU B 203 19.85 -9.81 -11.82
CA LEU B 203 20.28 -8.71 -10.97
C LEU B 203 19.12 -7.95 -10.30
N SER B 204 18.04 -7.70 -11.04
CA SER B 204 16.85 -7.09 -10.42
C SER B 204 16.20 -7.99 -9.37
N ILE B 205 16.24 -9.30 -9.62
CA ILE B 205 15.76 -10.27 -8.64
C ILE B 205 16.50 -10.17 -7.30
N CYS B 206 17.81 -9.89 -7.34
CA CYS B 206 18.54 -9.65 -6.10
C CYS B 206 18.30 -8.25 -5.54
N PHE B 207 17.93 -7.30 -6.40
CA PHE B 207 17.95 -5.90 -5.98
C PHE B 207 16.63 -5.20 -5.70
N TRP B 208 15.55 -5.62 -6.34
CA TRP B 208 14.32 -4.85 -6.21
C TRP B 208 13.77 -4.79 -4.78
N PRO B 209 13.84 -5.91 -4.05
CA PRO B 209 13.41 -5.83 -2.65
C PRO B 209 14.28 -4.86 -1.85
N THR B 210 15.58 -4.92 -2.04
CA THR B 210 16.50 -4.05 -1.32
C THR B 210 16.29 -2.57 -1.65
N LEU B 211 16.11 -2.27 -2.94
CA LEU B 211 15.99 -0.88 -3.38
C LEU B 211 14.60 -0.27 -3.20
N MET B 212 13.58 -1.12 -3.04
CA MET B 212 12.23 -0.61 -2.96
C MET B 212 11.46 -0.94 -1.68
N ARG B 213 11.77 -2.06 -1.03
CA ARG B 213 11.14 -2.41 0.24
C ARG B 213 9.62 -2.36 0.16
N PRO B 214 9.04 -3.10 -0.80
CA PRO B 214 7.58 -3.05 -0.95
C PRO B 214 6.85 -3.61 0.27
N ASP B 215 5.58 -3.26 0.42
CA ASP B 215 4.77 -3.77 1.52
C ASP B 215 3.50 -4.45 1.02
N MET B 219 -0.67 -5.71 -3.67
CA MET B 219 -1.13 -6.46 -4.84
C MET B 219 -1.10 -7.97 -4.56
N ASP B 220 -1.08 -8.76 -5.63
CA ASP B 220 -0.78 -10.17 -5.51
C ASP B 220 0.74 -10.35 -5.40
N ALA B 221 1.19 -11.29 -4.58
CA ALA B 221 2.62 -11.61 -4.52
C ALA B 221 3.26 -11.79 -5.90
N LEU B 222 2.74 -12.70 -6.73
CA LEU B 222 3.39 -12.94 -8.02
C LEU B 222 3.19 -11.78 -8.99
N THR B 223 2.02 -11.14 -8.94
CA THR B 223 1.81 -9.94 -9.74
C THR B 223 2.84 -8.85 -9.35
N ALA B 224 2.86 -8.50 -8.07
CA ALA B 224 3.75 -7.45 -7.57
C ALA B 224 5.23 -7.81 -7.67
N THR B 225 5.53 -9.10 -7.55
CA THR B 225 6.89 -9.57 -7.79
C THR B 225 7.24 -9.34 -9.26
N ARG B 226 6.41 -9.83 -10.17
CA ARG B 226 6.69 -9.66 -11.60
C ARG B 226 6.85 -8.17 -11.95
N THR B 227 6.04 -7.32 -11.31
CA THR B 227 5.98 -5.91 -11.64
C THR B 227 7.27 -5.19 -11.26
N TYR B 228 7.69 -5.33 -10.01
CA TYR B 228 8.92 -4.69 -9.56
C TYR B 228 10.14 -5.28 -10.24
N GLN B 229 10.15 -6.59 -10.42
CA GLN B 229 11.27 -7.25 -11.05
C GLN B 229 11.50 -6.64 -12.43
N THR B 230 10.44 -6.57 -13.24
CA THR B 230 10.56 -6.03 -14.58
C THR B 230 10.95 -4.56 -14.59
N ILE B 231 10.43 -3.78 -13.65
CA ILE B 231 10.75 -2.37 -13.63
C ILE B 231 12.25 -2.19 -13.46
N ILE B 232 12.81 -2.81 -12.44
CA ILE B 232 14.25 -2.71 -12.21
C ILE B 232 15.06 -3.30 -13.35
N GLU B 233 14.56 -4.38 -13.96
CA GLU B 233 15.25 -5.02 -15.08
C GLU B 233 15.40 -4.03 -16.22
N LEU B 234 14.36 -3.22 -16.43
CA LEU B 234 14.36 -2.22 -17.49
C LEU B 234 15.37 -1.12 -17.19
N PHE B 235 15.43 -0.70 -15.93
CA PHE B 235 16.34 0.36 -15.57
C PHE B 235 17.76 -0.13 -15.78
N ILE B 236 17.97 -1.42 -15.54
CA ILE B 236 19.30 -1.98 -15.67
C ILE B 236 19.65 -2.16 -17.14
N GLN B 237 18.71 -2.68 -17.91
CA GLN B 237 19.01 -3.02 -19.29
C GLN B 237 19.01 -1.79 -20.16
N GLN B 238 18.16 -0.83 -19.81
CA GLN B 238 18.07 0.39 -20.58
C GLN B 238 18.80 1.53 -19.89
N CYS B 239 19.75 1.17 -19.05
CA CYS B 239 20.58 2.12 -18.34
C CYS B 239 20.97 3.33 -19.20
N PRO B 240 21.50 3.10 -20.43
CA PRO B 240 21.93 4.23 -21.26
C PRO B 240 20.78 5.22 -21.57
N PHE B 241 19.62 4.67 -21.87
CA PHE B 241 18.46 5.49 -22.21
C PHE B 241 18.03 6.29 -21.00
N PHE B 242 18.09 5.66 -19.83
CA PHE B 242 17.65 6.32 -18.61
C PHE B 242 18.67 7.28 -18.00
N PHE B 243 19.96 7.05 -18.27
CA PHE B 243 21.00 7.77 -17.51
C PHE B 243 22.16 8.44 -18.28
N TYR B 244 22.18 8.38 -19.60
CA TYR B 244 23.34 8.90 -20.33
C TYR B 244 23.23 10.38 -20.73
N SER C 51 3.83 33.74 17.86
CA SER C 51 4.37 32.55 17.21
C SER C 51 5.69 32.80 16.47
N ASN C 52 6.52 31.77 16.41
CA ASN C 52 7.77 31.81 15.67
C ASN C 52 7.54 31.33 14.23
N TYR C 53 6.39 30.68 14.00
CA TYR C 53 6.11 30.04 12.72
C TYR C 53 5.07 30.77 11.88
N PHE C 54 3.97 31.16 12.52
CA PHE C 54 2.90 31.89 11.84
C PHE C 54 3.07 33.39 11.99
N GLY C 55 2.72 34.12 10.94
CA GLY C 55 2.85 35.56 10.95
C GLY C 55 4.27 36.04 10.76
N VAL C 56 5.17 35.12 10.38
CA VAL C 56 6.56 35.48 10.10
C VAL C 56 6.83 35.34 8.61
N PRO C 57 7.81 36.11 8.08
CA PRO C 57 8.18 36.10 6.66
C PRO C 57 8.28 34.69 6.09
N LEU C 58 7.98 34.55 4.81
CA LEU C 58 7.91 33.23 4.17
C LEU C 58 9.26 32.51 4.16
N THR C 59 10.32 33.26 3.88
CA THR C 59 11.67 32.69 3.84
C THR C 59 12.13 32.11 5.18
N THR C 60 11.54 32.59 6.27
CA THR C 60 11.88 32.12 7.62
C THR C 60 11.45 30.68 7.86
N VAL C 61 10.41 30.25 7.14
CA VAL C 61 9.85 28.91 7.34
C VAL C 61 10.03 28.00 6.12
N VAL C 62 10.97 28.37 5.24
CA VAL C 62 11.32 27.51 4.11
C VAL C 62 12.81 27.62 3.80
N THR C 63 13.35 26.56 3.21
CA THR C 63 14.73 26.52 2.75
C THR C 63 14.71 26.22 1.26
N PRO C 64 15.82 26.49 0.55
CA PRO C 64 15.78 26.18 -0.88
C PRO C 64 15.71 24.68 -1.13
N GLU C 65 16.06 23.90 -0.10
CA GLU C 65 16.11 22.43 -0.21
C GLU C 65 14.77 21.80 0.17
N LYS C 66 14.03 22.49 1.04
CA LYS C 66 12.70 22.07 1.45
C LYS C 66 11.77 23.27 1.42
N PRO C 67 11.38 23.71 0.18
CA PRO C 67 10.80 25.01 -0.17
C PRO C 67 9.34 25.17 0.24
N ILE C 68 8.66 24.07 0.52
CA ILE C 68 7.29 24.11 0.99
C ILE C 68 7.27 24.12 2.53
N PRO C 69 6.59 25.11 3.11
CA PRO C 69 6.42 25.13 4.57
C PRO C 69 5.86 23.80 5.05
N ILE C 70 6.47 23.23 6.08
CA ILE C 70 6.03 21.94 6.62
C ILE C 70 4.54 21.93 6.98
N PHE C 71 4.05 23.02 7.55
CA PHE C 71 2.63 23.12 7.89
C PHE C 71 1.75 22.95 6.64
N ILE C 72 2.18 23.55 5.54
CA ILE C 72 1.41 23.49 4.32
C ILE C 72 1.39 22.06 3.79
N GLU C 73 2.54 21.39 3.85
CA GLU C 73 2.61 19.98 3.48
C GLU C 73 1.65 19.11 4.29
N ARG C 74 1.68 19.24 5.62
CA ARG C 74 0.75 18.48 6.46
C ARG C 74 -0.69 18.67 6.03
N CYS C 75 -1.11 19.93 5.91
CA CYS C 75 -2.50 20.25 5.65
C CYS C 75 -2.94 19.78 4.27
N ILE C 76 -2.15 20.11 3.27
CA ILE C 76 -2.51 19.74 1.90
C ILE C 76 -2.51 18.23 1.73
N GLU C 77 -1.49 17.56 2.26
CA GLU C 77 -1.41 16.11 2.16
C GLU C 77 -2.55 15.42 2.92
N TYR C 78 -2.96 16.00 4.03
CA TYR C 78 -4.06 15.46 4.81
C TYR C 78 -5.39 15.74 4.14
N ILE C 79 -5.52 16.93 3.55
CA ILE C 79 -6.75 17.31 2.85
C ILE C 79 -6.92 16.48 1.60
N GLU C 80 -5.81 16.15 0.95
CA GLU C 80 -5.87 15.31 -0.24
C GLU C 80 -6.25 13.87 0.13
N ALA C 81 -5.87 13.45 1.33
CA ALA C 81 -6.18 12.09 1.79
C ALA C 81 -7.49 11.98 2.54
N THR C 82 -8.09 13.12 2.89
CA THR C 82 -9.27 13.10 3.73
C THR C 82 -10.47 13.89 3.17
N GLY C 83 -10.21 14.91 2.36
CA GLY C 83 -11.26 15.86 2.00
C GLY C 83 -11.56 16.19 0.55
N LEU C 84 -11.00 15.43 -0.40
CA LEU C 84 -11.24 15.69 -1.83
C LEU C 84 -12.70 15.54 -2.26
N SER C 85 -13.53 14.95 -1.40
CA SER C 85 -14.94 14.74 -1.74
C SER C 85 -15.89 15.61 -0.90
N THR C 86 -15.34 16.44 -0.03
CA THR C 86 -16.19 17.22 0.85
C THR C 86 -16.80 18.41 0.13
N GLU C 87 -18.13 18.52 0.15
CA GLU C 87 -18.80 19.61 -0.54
C GLU C 87 -18.28 20.95 -0.04
N GLY C 88 -17.99 21.83 -0.99
CA GLY C 88 -17.59 23.19 -0.70
C GLY C 88 -16.29 23.36 0.06
N ILE C 89 -15.43 22.35 0.05
CA ILE C 89 -14.12 22.49 0.69
C ILE C 89 -13.44 23.81 0.28
N TYR C 90 -12.89 24.49 1.28
CA TYR C 90 -12.23 25.80 1.11
C TYR C 90 -13.20 26.97 1.03
N ARG C 91 -14.43 26.70 0.59
CA ARG C 91 -15.45 27.75 0.50
C ARG C 91 -16.12 27.90 1.85
N VAL C 92 -16.50 26.77 2.44
CA VAL C 92 -17.08 26.74 3.77
C VAL C 92 -16.05 27.15 4.80
N SER C 93 -16.42 28.05 5.70
CA SER C 93 -15.49 28.46 6.74
C SER C 93 -15.64 27.53 7.93
N GLY C 94 -14.53 27.31 8.63
CA GLY C 94 -14.53 26.37 9.73
C GLY C 94 -14.51 27.04 11.09
N ASN C 95 -14.56 26.22 12.13
CA ASN C 95 -14.49 26.72 13.50
C ASN C 95 -13.20 27.51 13.74
N LYS C 96 -13.33 28.81 13.98
CA LYS C 96 -12.17 29.66 14.21
C LYS C 96 -11.37 29.17 15.42
N SER C 97 -12.06 28.67 16.44
CA SER C 97 -11.40 28.13 17.62
C SER C 97 -10.56 26.90 17.26
N GLU C 98 -11.13 26.00 16.46
CA GLU C 98 -10.45 24.77 16.09
C GLU C 98 -9.21 25.01 15.22
N MET C 99 -9.22 26.08 14.43
CA MET C 99 -8.05 26.43 13.62
C MET C 99 -6.95 27.01 14.50
N GLU C 100 -7.31 27.99 15.33
CA GLU C 100 -6.35 28.59 16.24
C GLU C 100 -5.70 27.48 17.04
N SER C 101 -6.52 26.49 17.43
CA SER C 101 -6.05 25.31 18.14
C SER C 101 -5.03 24.53 17.31
N LEU C 102 -5.43 24.13 16.10
CA LEU C 102 -4.54 23.41 15.20
C LEU C 102 -3.20 24.14 15.03
N GLN C 103 -3.28 25.46 14.84
CA GLN C 103 -2.08 26.26 14.61
C GLN C 103 -1.23 26.30 15.89
N ARG C 104 -1.89 26.49 17.02
CA ARG C 104 -1.20 26.51 18.30
C ARG C 104 -0.49 25.17 18.53
N GLN C 105 -1.24 24.08 18.38
CA GLN C 105 -0.69 22.74 18.60
C GLN C 105 0.48 22.42 17.66
N PHE C 106 0.38 22.86 16.42
CA PHE C 106 1.47 22.66 15.49
C PHE C 106 2.67 23.48 15.94
N ASP C 107 2.38 24.68 16.42
CA ASP C 107 3.41 25.59 16.89
C ASP C 107 4.27 24.92 17.97
N GLN C 108 3.61 24.11 18.81
CA GLN C 108 4.30 23.40 19.88
C GLN C 108 5.25 22.33 19.34
N ASP C 109 4.74 21.38 18.56
CA ASP C 109 5.65 20.48 17.83
C ASP C 109 5.25 20.29 16.36
N HIS C 110 6.26 20.31 15.49
CA HIS C 110 6.06 20.35 14.05
C HIS C 110 5.81 18.98 13.44
N ASN C 111 5.88 17.95 14.27
CA ASN C 111 5.61 16.60 13.81
C ASN C 111 4.16 16.21 14.05
N LEU C 112 3.35 17.20 14.42
CA LEU C 112 1.93 17.00 14.69
C LEU C 112 1.32 16.12 13.61
N ASP C 113 0.52 15.15 14.04
CA ASP C 113 -0.17 14.26 13.09
C ASP C 113 -1.66 14.53 13.08
N LEU C 114 -2.15 15.10 11.98
CA LEU C 114 -3.56 15.52 11.91
C LEU C 114 -4.48 14.30 11.96
N ALA C 115 -3.95 13.14 11.59
CA ALA C 115 -4.72 11.91 11.67
C ALA C 115 -5.06 11.62 13.13
N GLU C 116 -4.03 11.62 13.97
CA GLU C 116 -4.19 11.28 15.38
C GLU C 116 -4.87 12.38 16.20
N LYS C 117 -5.45 13.38 15.55
CA LYS C 117 -5.95 14.53 16.28
C LYS C 117 -7.43 14.88 15.98
N ASP C 118 -8.04 14.10 15.11
CA ASP C 118 -9.48 14.22 14.83
C ASP C 118 -9.96 15.64 14.49
N PHE C 119 -9.27 16.31 13.57
CA PHE C 119 -9.68 17.63 13.13
C PHE C 119 -10.62 17.55 11.93
N THR C 120 -11.65 18.38 11.93
CA THR C 120 -12.54 18.50 10.78
C THR C 120 -11.70 18.80 9.54
N VAL C 121 -12.12 18.30 8.39
CA VAL C 121 -11.42 18.59 7.14
C VAL C 121 -11.47 20.09 6.84
N ASN C 122 -12.61 20.71 7.08
CA ASN C 122 -12.78 22.15 6.93
C ASN C 122 -11.89 22.96 7.87
N THR C 123 -11.65 22.42 9.06
CA THR C 123 -10.77 23.06 10.02
C THR C 123 -9.33 23.08 9.49
N VAL C 124 -8.89 21.95 8.94
CA VAL C 124 -7.56 21.88 8.35
C VAL C 124 -7.44 22.72 7.08
N ALA C 125 -8.52 22.76 6.30
CA ALA C 125 -8.54 23.57 5.08
C ALA C 125 -8.43 25.04 5.44
N GLY C 126 -9.28 25.49 6.36
CA GLY C 126 -9.27 26.86 6.84
C GLY C 126 -7.96 27.26 7.51
N ALA C 127 -7.34 26.31 8.19
CA ALA C 127 -6.09 26.59 8.89
C ALA C 127 -4.96 26.71 7.89
N MET C 128 -5.11 26.05 6.74
CA MET C 128 -4.11 26.13 5.69
C MET C 128 -4.17 27.49 4.98
N LYS C 129 -5.37 27.97 4.69
CA LYS C 129 -5.56 29.33 4.17
C LYS C 129 -5.05 30.37 5.18
N SER C 130 -5.34 30.14 6.45
CA SER C 130 -4.96 31.08 7.49
C SER C 130 -3.46 31.35 7.49
N PHE C 131 -2.67 30.31 7.24
CA PHE C 131 -1.23 30.49 7.21
C PHE C 131 -0.88 31.57 6.20
N PHE C 132 -1.54 31.53 5.06
CA PHE C 132 -1.23 32.45 3.98
C PHE C 132 -1.72 33.87 4.25
N SER C 133 -2.88 33.99 4.89
CA SER C 133 -3.39 35.31 5.23
C SER C 133 -2.64 35.91 6.42
N GLU C 134 -1.86 35.08 7.11
CA GLU C 134 -1.07 35.54 8.25
C GLU C 134 0.34 35.96 7.86
N LEU C 135 0.76 35.57 6.66
CA LEU C 135 2.07 35.98 6.16
C LEU C 135 2.12 37.48 6.08
N PRO C 136 3.25 38.07 6.52
CA PRO C 136 3.47 39.52 6.47
C PRO C 136 3.25 40.08 5.07
N ASP C 137 3.70 39.36 4.05
CA ASP C 137 3.42 39.74 2.66
C ASP C 137 2.67 38.61 1.92
N PRO C 138 1.74 39.00 1.04
CA PRO C 138 0.93 38.01 0.32
C PRO C 138 1.82 37.04 -0.49
N LEU C 139 1.36 35.81 -0.65
CA LEU C 139 2.17 34.83 -1.37
C LEU C 139 2.54 35.36 -2.75
N VAL C 140 1.55 35.93 -3.44
CA VAL C 140 1.80 36.55 -4.72
C VAL C 140 2.13 38.00 -4.45
N PRO C 141 3.41 38.37 -4.60
CA PRO C 141 3.92 39.70 -4.22
C PRO C 141 3.26 40.81 -5.01
N TYR C 142 3.05 41.96 -4.38
CA TYR C 142 2.31 43.06 -5.01
C TYR C 142 2.89 43.51 -6.35
N ASN C 143 4.22 43.59 -6.44
CA ASN C 143 4.87 43.97 -7.70
C ASN C 143 4.52 43.01 -8.82
N MET C 144 4.56 41.71 -8.54
CA MET C 144 4.09 40.71 -9.51
C MET C 144 2.62 40.90 -9.88
N GLN C 145 1.84 41.38 -8.93
CA GLN C 145 0.41 41.54 -9.15
C GLN C 145 0.17 42.53 -10.26
N ILE C 146 0.93 43.61 -10.23
CA ILE C 146 0.77 44.67 -11.22
C ILE C 146 0.95 44.07 -12.61
N ASP C 147 2.05 43.35 -12.79
CA ASP C 147 2.35 42.72 -14.07
C ASP C 147 1.27 41.71 -14.46
N LEU C 148 0.82 40.93 -13.49
CA LEU C 148 -0.24 39.95 -13.71
C LEU C 148 -1.48 40.64 -14.28
N VAL C 149 -1.87 41.74 -13.64
CA VAL C 149 -3.05 42.45 -14.09
C VAL C 149 -2.87 43.01 -15.49
N GLU C 150 -1.65 43.47 -15.81
CA GLU C 150 -1.36 44.02 -17.13
C GLU C 150 -1.52 42.96 -18.21
N ALA C 151 -0.87 41.81 -18.01
CA ALA C 151 -0.92 40.72 -18.98
C ALA C 151 -2.36 40.35 -19.27
N HIS C 152 -3.15 40.29 -18.21
CA HIS C 152 -4.57 39.96 -18.30
C HIS C 152 -5.35 40.84 -19.28
N LYS C 153 -4.81 42.01 -19.60
CA LYS C 153 -5.46 42.91 -20.55
C LYS C 153 -5.51 42.28 -21.94
N ILE C 154 -4.49 41.48 -22.25
CA ILE C 154 -4.41 40.81 -23.55
C ILE C 154 -5.60 39.89 -23.74
N ASN C 155 -6.40 40.17 -24.76
CA ASN C 155 -7.67 39.50 -24.99
C ASN C 155 -7.56 38.11 -25.58
N ASP C 156 -6.58 37.89 -26.44
CA ASP C 156 -6.40 36.58 -27.06
C ASP C 156 -5.89 35.60 -26.01
N ARG C 157 -6.49 34.42 -25.96
CA ARG C 157 -6.25 33.50 -24.86
C ARG C 157 -4.82 32.96 -24.81
N GLU C 158 -4.31 32.50 -25.95
CA GLU C 158 -2.94 31.99 -25.95
C GLU C 158 -1.94 33.10 -25.61
N GLN C 159 -2.11 34.25 -26.25
CA GLN C 159 -1.25 35.40 -25.98
C GLN C 159 -1.25 35.72 -24.48
N LYS C 160 -2.46 35.78 -23.91
CA LYS C 160 -2.66 36.10 -22.52
C LYS C 160 -1.90 35.12 -21.63
N LEU C 161 -1.98 33.84 -21.96
CA LEU C 161 -1.36 32.85 -21.11
C LEU C 161 0.16 32.95 -21.15
N HIS C 162 0.71 33.27 -22.31
CA HIS C 162 2.16 33.47 -22.41
C HIS C 162 2.56 34.68 -21.57
N ALA C 163 1.83 35.78 -21.74
CA ALA C 163 2.10 36.97 -20.98
C ALA C 163 2.14 36.64 -19.50
N LEU C 164 1.15 35.87 -19.05
CA LEU C 164 1.06 35.48 -17.64
C LEU C 164 2.22 34.60 -17.22
N LYS C 165 2.56 33.61 -18.02
CA LYS C 165 3.67 32.74 -17.68
C LYS C 165 4.95 33.54 -17.57
N GLU C 166 5.04 34.62 -18.36
CA GLU C 166 6.21 35.50 -18.32
C GLU C 166 6.37 36.17 -16.96
N VAL C 167 5.28 36.73 -16.44
CA VAL C 167 5.30 37.28 -15.09
C VAL C 167 5.68 36.16 -14.13
N LEU C 168 5.13 34.97 -14.35
CA LEU C 168 5.35 33.86 -13.45
C LEU C 168 6.84 33.56 -13.32
N LYS C 169 7.60 33.83 -14.39
CA LYS C 169 9.04 33.64 -14.38
C LYS C 169 9.76 34.64 -13.49
N LYS C 170 9.14 35.79 -13.25
CA LYS C 170 9.75 36.85 -12.47
C LYS C 170 9.46 36.74 -10.97
N PHE C 171 8.68 35.74 -10.58
CA PHE C 171 8.39 35.52 -9.16
C PHE C 171 9.68 35.25 -8.38
N PRO C 172 9.79 35.81 -7.17
CA PRO C 172 10.82 35.33 -6.23
C PRO C 172 10.70 33.81 -6.14
N LYS C 173 11.83 33.10 -6.15
CA LYS C 173 11.78 31.64 -6.20
C LYS C 173 11.09 31.03 -4.99
N GLU C 174 11.30 31.60 -3.81
CA GLU C 174 10.64 31.07 -2.63
C GLU C 174 9.13 31.04 -2.85
N ASN C 175 8.59 32.16 -3.34
CA ASN C 175 7.15 32.27 -3.54
C ASN C 175 6.69 31.37 -4.68
N HIS C 176 7.46 31.37 -5.76
CA HIS C 176 7.08 30.63 -6.96
C HIS C 176 6.86 29.17 -6.61
N GLU C 177 7.73 28.62 -5.78
CA GLU C 177 7.60 27.25 -5.34
C GLU C 177 6.32 27.01 -4.53
N VAL C 178 6.07 27.84 -3.53
CA VAL C 178 4.86 27.67 -2.75
C VAL C 178 3.63 27.88 -3.63
N PHE C 179 3.67 28.91 -4.47
CA PHE C 179 2.56 29.16 -5.37
C PHE C 179 2.31 27.93 -6.22
N LYS C 180 3.38 27.38 -6.79
CA LYS C 180 3.27 26.18 -7.62
C LYS C 180 2.56 25.08 -6.85
N TYR C 181 3.06 24.80 -5.65
CA TYR C 181 2.51 23.74 -4.80
C TYR C 181 1.02 23.95 -4.53
N VAL C 182 0.67 25.13 -4.03
CA VAL C 182 -0.73 25.42 -3.72
C VAL C 182 -1.62 25.30 -4.95
N ILE C 183 -1.19 25.92 -6.05
CA ILE C 183 -1.98 25.91 -7.28
C ILE C 183 -2.21 24.50 -7.81
N SER C 184 -1.15 23.69 -7.88
CA SER C 184 -1.37 22.31 -8.36
C SER C 184 -2.31 21.57 -7.44
N HIS C 185 -2.15 21.76 -6.13
CA HIS C 185 -3.10 21.19 -5.19
C HIS C 185 -4.53 21.56 -5.56
N LEU C 186 -4.76 22.85 -5.79
CA LEU C 186 -6.09 23.35 -6.12
C LEU C 186 -6.56 22.76 -7.44
N ASN C 187 -5.63 22.62 -8.37
CA ASN C 187 -5.95 22.01 -9.64
C ASN C 187 -6.51 20.62 -9.40
N LYS C 188 -5.89 19.91 -8.47
CA LYS C 188 -6.34 18.56 -8.15
C LYS C 188 -7.74 18.58 -7.50
N VAL C 189 -7.92 19.40 -6.48
CA VAL C 189 -9.22 19.48 -5.84
C VAL C 189 -10.26 19.66 -6.93
N SER C 190 -9.92 20.46 -7.93
CA SER C 190 -10.88 20.83 -8.97
C SER C 190 -11.24 19.63 -9.85
N HIS C 191 -10.37 18.63 -9.92
CA HIS C 191 -10.65 17.48 -10.77
C HIS C 191 -11.78 16.63 -10.21
N ASN C 192 -12.18 16.90 -8.98
CA ASN C 192 -13.29 16.17 -8.39
C ASN C 192 -14.52 17.09 -8.18
N ASN C 193 -14.67 18.09 -9.03
CA ASN C 193 -15.71 19.11 -8.85
C ASN C 193 -17.14 18.57 -8.94
N LYS C 194 -17.36 17.52 -9.73
CA LYS C 194 -18.67 16.91 -9.83
C LYS C 194 -19.14 16.51 -8.44
N VAL C 195 -18.20 16.10 -7.59
CA VAL C 195 -18.52 15.67 -6.25
C VAL C 195 -18.36 16.80 -5.24
N ASN C 196 -17.18 17.40 -5.19
CA ASN C 196 -16.90 18.42 -4.16
C ASN C 196 -17.40 19.81 -4.53
N LEU C 197 -17.84 19.96 -5.78
CA LEU C 197 -18.53 21.16 -6.22
C LEU C 197 -17.59 22.34 -6.42
N MET C 198 -16.29 22.10 -6.25
CA MET C 198 -15.33 23.18 -6.36
C MET C 198 -14.60 23.17 -7.70
N THR C 199 -15.21 23.80 -8.69
CA THR C 199 -14.56 24.05 -9.97
C THR C 199 -13.39 25.01 -9.76
N SER C 200 -12.51 25.13 -10.75
CA SER C 200 -11.39 26.06 -10.64
C SER C 200 -11.88 27.50 -10.42
N GLU C 201 -13.01 27.85 -11.05
CA GLU C 201 -13.59 29.16 -10.81
C GLU C 201 -13.90 29.34 -9.33
N ASN C 202 -14.61 28.38 -8.76
CA ASN C 202 -14.94 28.44 -7.35
C ASN C 202 -13.71 28.52 -6.47
N LEU C 203 -12.70 27.71 -6.79
CA LEU C 203 -11.51 27.66 -5.97
C LEU C 203 -10.77 28.99 -5.93
N SER C 204 -10.67 29.69 -7.06
CA SER C 204 -10.06 31.03 -7.07
C SER C 204 -10.87 32.03 -6.25
N ILE C 205 -12.19 31.87 -6.27
CA ILE C 205 -13.05 32.71 -5.45
C ILE C 205 -12.68 32.59 -3.96
N CYS C 206 -12.33 31.38 -3.52
CA CYS C 206 -11.88 31.20 -2.13
C CYS C 206 -10.45 31.66 -1.91
N PHE C 207 -9.68 31.71 -2.99
CA PHE C 207 -8.24 31.87 -2.81
C PHE C 207 -7.62 33.21 -3.17
N TRP C 208 -8.17 33.89 -4.16
CA TRP C 208 -7.48 35.09 -4.65
C TRP C 208 -7.30 36.18 -3.60
N PRO C 209 -8.32 36.39 -2.74
CA PRO C 209 -8.07 37.38 -1.68
C PRO C 209 -6.95 36.93 -0.77
N THR C 210 -6.95 35.66 -0.41
CA THR C 210 -5.94 35.13 0.50
C THR C 210 -4.54 35.24 -0.09
N LEU C 211 -4.40 34.81 -1.34
CA LEU C 211 -3.09 34.77 -1.98
C LEU C 211 -2.56 36.14 -2.45
N MET C 212 -3.44 37.12 -2.60
CA MET C 212 -3.03 38.38 -3.17
C MET C 212 -3.25 39.61 -2.27
N ARG C 213 -4.24 39.57 -1.38
CA ARG C 213 -4.48 40.68 -0.46
C ARG C 213 -4.57 42.03 -1.16
N PRO C 214 -5.51 42.17 -2.11
CA PRO C 214 -5.58 43.45 -2.82
C PRO C 214 -5.92 44.56 -1.85
N ASP C 215 -5.39 45.76 -2.07
CA ASP C 215 -5.82 46.91 -1.26
C ASP C 215 -6.93 47.65 -2.00
N PHE C 216 -8.09 47.74 -1.38
CA PHE C 216 -9.28 48.26 -2.07
C PHE C 216 -9.54 49.75 -1.88
N SER C 217 -8.52 50.48 -1.46
CA SER C 217 -8.49 51.92 -1.62
C SER C 217 -7.46 52.20 -2.73
N THR C 218 -7.48 51.38 -3.78
CA THR C 218 -6.50 51.44 -4.87
C THR C 218 -7.10 50.95 -6.18
N MET C 219 -8.36 50.53 -6.12
CA MET C 219 -9.09 49.99 -7.27
C MET C 219 -10.53 49.77 -6.86
N ASP C 220 -11.43 49.78 -7.84
CA ASP C 220 -12.83 49.47 -7.60
C ASP C 220 -12.96 48.01 -7.16
N ALA C 221 -13.65 47.78 -6.04
CA ALA C 221 -13.73 46.44 -5.46
C ALA C 221 -14.32 45.41 -6.43
N LEU C 222 -15.39 45.78 -7.12
CA LEU C 222 -16.01 44.84 -8.06
C LEU C 222 -15.16 44.51 -9.28
N THR C 223 -14.55 45.50 -9.91
CA THR C 223 -13.72 45.20 -11.08
C THR C 223 -12.43 44.47 -10.67
N ALA C 224 -11.84 44.87 -9.56
CA ALA C 224 -10.65 44.17 -9.08
C ALA C 224 -11.02 42.74 -8.73
N THR C 225 -12.27 42.52 -8.34
CA THR C 225 -12.71 41.19 -8.02
C THR C 225 -12.70 40.28 -9.25
N ARG C 226 -13.31 40.73 -10.34
CA ARG C 226 -13.39 39.91 -11.54
C ARG C 226 -11.99 39.64 -12.08
N THR C 227 -11.12 40.63 -11.95
CA THR C 227 -9.77 40.54 -12.49
C THR C 227 -8.90 39.53 -11.74
N TYR C 228 -8.81 39.68 -10.43
CA TYR C 228 -8.03 38.73 -9.65
C TYR C 228 -8.61 37.33 -9.71
N GLN C 229 -9.93 37.22 -9.64
CA GLN C 229 -10.60 35.93 -9.66
C GLN C 229 -10.20 35.15 -10.91
N THR C 230 -10.36 35.77 -12.08
CA THR C 230 -9.98 35.15 -13.34
C THR C 230 -8.49 34.77 -13.44
N ILE C 231 -7.63 35.65 -12.95
CA ILE C 231 -6.21 35.38 -13.02
C ILE C 231 -5.93 34.06 -12.32
N ILE C 232 -6.38 33.95 -11.07
CA ILE C 232 -6.12 32.76 -10.28
C ILE C 232 -6.83 31.55 -10.88
N GLU C 233 -8.02 31.77 -11.44
CA GLU C 233 -8.71 30.67 -12.08
C GLU C 233 -7.84 30.09 -13.20
N LEU C 234 -7.18 30.95 -13.96
CA LEU C 234 -6.35 30.51 -15.07
C LEU C 234 -5.12 29.75 -14.61
N PHE C 235 -4.53 30.20 -13.51
CA PHE C 235 -3.39 29.49 -12.95
C PHE C 235 -3.80 28.10 -12.50
N ILE C 236 -5.01 28.00 -11.96
CA ILE C 236 -5.52 26.74 -11.47
C ILE C 236 -5.88 25.82 -12.62
N GLN C 237 -6.63 26.33 -13.58
CA GLN C 237 -7.10 25.51 -14.69
C GLN C 237 -5.98 25.19 -15.67
N GLN C 238 -5.07 26.14 -15.87
CA GLN C 238 -3.97 25.90 -16.80
C GLN C 238 -2.70 25.54 -16.05
N CYS C 239 -2.87 24.99 -14.86
CA CYS C 239 -1.77 24.52 -14.05
C CYS C 239 -0.67 23.82 -14.86
N PRO C 240 -1.02 22.84 -15.71
CA PRO C 240 -0.01 22.11 -16.48
C PRO C 240 0.83 23.04 -17.35
N PHE C 241 0.17 23.94 -18.07
CA PHE C 241 0.86 24.90 -18.92
C PHE C 241 1.79 25.80 -18.11
N PHE C 242 1.36 26.17 -16.92
CA PHE C 242 2.15 27.09 -16.11
C PHE C 242 3.25 26.40 -15.31
N PHE C 243 3.12 25.11 -15.04
CA PHE C 243 3.99 24.48 -14.05
C PHE C 243 4.60 23.11 -14.38
N TYR C 244 4.38 22.58 -15.58
CA TYR C 244 4.85 21.23 -15.87
C TYR C 244 6.18 21.17 -16.61
N ASN C 245 7.00 20.17 -16.29
CA ASN C 245 8.25 19.90 -17.01
C ASN C 245 8.05 19.73 -18.51
N TRP D 49 15.81 -29.61 21.12
CA TRP D 49 14.63 -28.81 21.43
C TRP D 49 13.44 -29.65 21.96
N GLU D 50 12.59 -29.03 22.78
CA GLU D 50 11.36 -29.65 23.28
C GLU D 50 10.23 -28.63 23.16
N SER D 51 9.31 -28.87 22.21
CA SER D 51 8.39 -27.82 21.78
C SER D 51 6.91 -28.12 22.01
N ASN D 52 6.14 -27.06 22.25
CA ASN D 52 4.68 -27.15 22.39
C ASN D 52 4.00 -27.00 21.03
N TYR D 53 4.77 -26.52 20.04
CA TYR D 53 4.21 -26.17 18.73
C TYR D 53 4.63 -27.12 17.63
N PHE D 54 5.92 -27.44 17.58
CA PHE D 54 6.43 -28.38 16.58
C PHE D 54 6.48 -29.81 17.11
N GLY D 55 6.21 -30.77 16.24
CA GLY D 55 6.19 -32.17 16.63
C GLY D 55 4.94 -32.55 17.40
N VAL D 56 3.94 -31.68 17.42
CA VAL D 56 2.67 -31.99 18.08
C VAL D 56 1.57 -32.15 17.04
N PRO D 57 0.52 -32.93 17.37
CA PRO D 57 -0.60 -33.19 16.45
C PRO D 57 -1.07 -31.92 15.76
N LEU D 58 -1.60 -32.07 14.54
CA LEU D 58 -1.99 -30.92 13.73
C LEU D 58 -3.13 -30.12 14.36
N THR D 59 -4.12 -30.82 14.91
CA THR D 59 -5.29 -30.19 15.53
C THR D 59 -4.92 -29.30 16.72
N THR D 60 -3.78 -29.58 17.34
CA THR D 60 -3.29 -28.82 18.50
C THR D 60 -2.88 -27.41 18.13
N VAL D 61 -2.49 -27.20 16.87
CA VAL D 61 -2.00 -25.90 16.43
C VAL D 61 -2.91 -25.25 15.38
N VAL D 62 -4.14 -25.74 15.27
CA VAL D 62 -5.16 -25.12 14.42
C VAL D 62 -6.54 -25.17 15.05
N THR D 63 -7.38 -24.20 14.69
CA THR D 63 -8.77 -24.15 15.12
C THR D 63 -9.64 -24.17 13.87
N PRO D 64 -10.93 -24.52 14.00
CA PRO D 64 -11.76 -24.50 12.79
C PRO D 64 -11.96 -23.09 12.26
N GLU D 65 -11.69 -22.10 13.09
CA GLU D 65 -11.88 -20.70 12.72
C GLU D 65 -10.60 -20.09 12.12
N LYS D 66 -9.46 -20.63 12.52
CA LYS D 66 -8.16 -20.24 11.99
C LYS D 66 -7.36 -21.50 11.68
N PRO D 67 -7.72 -22.19 10.58
CA PRO D 67 -7.37 -23.59 10.24
C PRO D 67 -5.93 -23.77 9.78
N ILE D 68 -5.29 -22.69 9.35
CA ILE D 68 -3.91 -22.74 8.93
C ILE D 68 -3.01 -22.43 10.12
N PRO D 69 -2.04 -23.33 10.40
CA PRO D 69 -1.06 -23.05 11.45
C PRO D 69 -0.40 -21.70 11.22
N ILE D 70 -0.33 -20.88 12.27
CA ILE D 70 0.25 -19.55 12.16
C ILE D 70 1.67 -19.58 11.58
N PHE D 71 2.46 -20.56 11.99
CA PHE D 71 3.82 -20.69 11.47
C PHE D 71 3.81 -20.85 9.95
N ILE D 72 2.86 -21.65 9.46
CA ILE D 72 2.76 -21.87 8.01
C ILE D 72 2.38 -20.58 7.28
N GLU D 73 1.45 -19.83 7.84
CA GLU D 73 1.09 -18.54 7.28
C GLU D 73 2.28 -17.59 7.19
N ARG D 74 3.03 -17.44 8.28
CA ARG D 74 4.23 -16.59 8.25
C ARG D 74 5.18 -16.97 7.11
N CYS D 75 5.55 -18.24 7.08
CA CYS D 75 6.54 -18.71 6.12
C CYS D 75 6.05 -18.58 4.68
N ILE D 76 4.85 -19.06 4.41
CA ILE D 76 4.33 -19.01 3.05
C ILE D 76 4.12 -17.57 2.58
N GLU D 77 3.59 -16.72 3.47
CA GLU D 77 3.36 -15.34 3.12
C GLU D 77 4.67 -14.58 2.91
N TYR D 78 5.70 -14.97 3.67
CA TYR D 78 7.02 -14.36 3.54
C TYR D 78 7.72 -14.86 2.29
N ILE D 79 7.59 -16.16 2.02
CA ILE D 79 8.19 -16.76 0.84
C ILE D 79 7.53 -16.21 -0.43
N GLU D 80 6.24 -15.95 -0.36
CA GLU D 80 5.52 -15.38 -1.50
C GLU D 80 5.93 -13.93 -1.74
N ALA D 81 6.31 -13.24 -0.67
CA ALA D 81 6.74 -11.85 -0.79
C ALA D 81 8.24 -11.68 -1.00
N THR D 82 9.01 -12.75 -0.81
CA THR D 82 10.46 -12.63 -0.86
C THR D 82 11.15 -13.61 -1.82
N GLY D 83 10.55 -14.78 -2.07
CA GLY D 83 11.24 -15.84 -2.76
C GLY D 83 10.67 -16.49 -4.02
N LEU D 84 9.62 -15.92 -4.58
CA LEU D 84 9.00 -16.51 -5.78
C LEU D 84 9.92 -16.54 -7.00
N SER D 85 11.06 -15.87 -6.93
CA SER D 85 11.98 -15.84 -8.06
C SER D 85 13.28 -16.57 -7.80
N THR D 86 13.40 -17.16 -6.61
CA THR D 86 14.66 -17.80 -6.23
C THR D 86 14.80 -19.16 -6.90
N GLU D 87 15.89 -19.36 -7.63
CA GLU D 87 16.11 -20.61 -8.33
C GLU D 87 16.05 -21.77 -7.35
N GLY D 88 15.33 -22.82 -7.75
CA GLY D 88 15.28 -24.06 -6.99
C GLY D 88 14.66 -23.96 -5.61
N ILE D 89 13.88 -22.92 -5.35
CA ILE D 89 13.20 -22.83 -4.06
C ILE D 89 12.50 -24.14 -3.70
N TYR D 90 12.66 -24.56 -2.45
CA TYR D 90 12.12 -25.82 -1.92
C TYR D 90 12.94 -27.07 -2.29
N ARG D 91 13.65 -26.98 -3.41
CA ARG D 91 14.50 -28.08 -3.86
C ARG D 91 15.85 -28.01 -3.17
N VAL D 92 16.44 -26.82 -3.18
CA VAL D 92 17.66 -26.53 -2.43
C VAL D 92 17.43 -26.65 -0.92
N SER D 93 18.30 -27.38 -0.24
CA SER D 93 18.20 -27.50 1.21
C SER D 93 18.95 -26.34 1.85
N GLY D 94 18.45 -25.88 2.99
CA GLY D 94 19.04 -24.74 3.65
C GLY D 94 19.86 -25.11 4.87
N ASN D 95 20.45 -24.10 5.50
CA ASN D 95 21.20 -24.30 6.72
C ASN D 95 20.32 -24.94 7.82
N LYS D 96 20.65 -26.16 8.20
CA LYS D 96 19.89 -26.85 9.24
C LYS D 96 19.92 -26.07 10.56
N SER D 97 21.04 -25.41 10.85
CA SER D 97 21.15 -24.61 12.06
C SER D 97 20.19 -23.41 11.99
N GLU D 98 20.14 -22.76 10.84
CA GLU D 98 19.30 -21.57 10.67
C GLU D 98 17.81 -21.88 10.76
N MET D 99 17.43 -23.10 10.37
CA MET D 99 16.03 -23.52 10.49
C MET D 99 15.69 -23.82 11.94
N GLU D 100 16.52 -24.62 12.61
CA GLU D 100 16.29 -24.96 14.00
C GLU D 100 16.17 -23.65 14.77
N SER D 101 16.99 -22.68 14.37
CA SER D 101 16.95 -21.35 14.95
C SER D 101 15.59 -20.69 14.74
N LEU D 102 15.18 -20.57 13.47
CA LEU D 102 13.89 -19.98 13.13
C LEU D 102 12.75 -20.64 13.91
N GLN D 103 12.78 -21.96 13.99
CA GLN D 103 11.75 -22.70 14.70
C GLN D 103 11.78 -22.39 16.18
N ARG D 104 12.99 -22.42 16.75
CA ARG D 104 13.16 -22.11 18.17
C ARG D 104 12.66 -20.69 18.48
N GLN D 105 13.11 -19.72 17.70
CA GLN D 105 12.70 -18.33 17.91
C GLN D 105 11.20 -18.12 17.77
N PHE D 106 10.57 -18.83 16.84
CA PHE D 106 9.13 -18.74 16.68
C PHE D 106 8.47 -19.37 17.89
N ASP D 107 9.05 -20.46 18.37
CA ASP D 107 8.54 -21.16 19.53
C ASP D 107 8.45 -20.21 20.71
N GLN D 108 9.41 -19.30 20.82
CA GLN D 108 9.43 -18.33 21.92
C GLN D 108 8.28 -17.33 21.83
N ASP D 109 8.18 -16.61 20.71
CA ASP D 109 6.97 -15.82 20.47
C ASP D 109 6.43 -15.97 19.04
N HIS D 110 5.11 -16.10 18.95
CA HIS D 110 4.43 -16.45 17.71
C HIS D 110 4.20 -15.25 16.79
N ASN D 111 4.58 -14.07 17.26
CA ASN D 111 4.45 -12.86 16.47
C ASN D 111 5.74 -12.55 15.74
N LEU D 112 6.67 -13.50 15.77
CA LEU D 112 7.95 -13.35 15.10
C LEU D 112 7.79 -12.78 13.71
N ASP D 113 8.62 -11.79 13.37
CA ASP D 113 8.57 -11.18 12.05
C ASP D 113 9.80 -11.56 11.24
N LEU D 114 9.60 -12.38 10.22
CA LEU D 114 10.71 -12.89 9.42
C LEU D 114 11.43 -11.77 8.68
N ALA D 115 10.70 -10.68 8.42
CA ALA D 115 11.30 -9.50 7.79
C ALA D 115 12.41 -8.93 8.69
N GLU D 116 12.06 -8.67 9.95
CA GLU D 116 12.98 -8.08 10.89
C GLU D 116 14.09 -9.02 11.38
N LYS D 117 14.22 -10.19 10.76
CA LYS D 117 15.13 -11.21 11.28
C LYS D 117 16.19 -11.71 10.28
N ASP D 118 16.14 -11.18 9.05
CA ASP D 118 17.15 -11.46 8.03
C ASP D 118 17.43 -12.96 7.77
N PHE D 119 16.37 -13.76 7.61
CA PHE D 119 16.52 -15.17 7.30
C PHE D 119 16.58 -15.39 5.79
N THR D 120 17.47 -16.29 5.36
CA THR D 120 17.54 -16.72 3.97
C THR D 120 16.15 -17.20 3.55
N VAL D 121 15.78 -16.95 2.30
CA VAL D 121 14.50 -17.45 1.77
C VAL D 121 14.46 -18.99 1.83
N ASN D 122 15.59 -19.62 1.49
CA ASN D 122 15.73 -21.08 1.58
C ASN D 122 15.59 -21.59 3.00
N THR D 123 16.06 -20.80 3.95
CA THR D 123 15.94 -21.18 5.35
C THR D 123 14.48 -21.22 5.77
N VAL D 124 13.72 -20.21 5.34
CA VAL D 124 12.30 -20.14 5.66
C VAL D 124 11.51 -21.22 4.91
N ALA D 125 11.92 -21.49 3.68
CA ALA D 125 11.28 -22.53 2.88
C ALA D 125 11.50 -23.89 3.52
N GLY D 126 12.75 -24.18 3.88
CA GLY D 126 13.11 -25.44 4.52
C GLY D 126 12.46 -25.59 5.90
N ALA D 127 12.27 -24.47 6.59
CA ALA D 127 11.68 -24.49 7.93
C ALA D 127 10.18 -24.74 7.84
N MET D 128 9.60 -24.34 6.71
CA MET D 128 8.18 -24.57 6.47
C MET D 128 7.93 -26.06 6.18
N LYS D 129 8.78 -26.66 5.34
CA LYS D 129 8.70 -28.11 5.11
C LYS D 129 8.93 -28.89 6.41
N SER D 130 9.89 -28.42 7.20
CA SER D 130 10.25 -29.09 8.43
C SER D 130 9.03 -29.26 9.35
N PHE D 131 8.19 -28.23 9.40
CA PHE D 131 7.02 -28.30 10.26
C PHE D 131 6.20 -29.54 9.91
N PHE D 132 6.10 -29.82 8.60
CA PHE D 132 5.26 -30.89 8.13
C PHE D 132 5.89 -32.25 8.35
N SER D 133 7.21 -32.33 8.20
CA SER D 133 7.90 -33.59 8.45
C SER D 133 8.05 -33.86 9.94
N GLU D 134 7.78 -32.84 10.76
CA GLU D 134 7.83 -33.01 12.21
C GLU D 134 6.47 -33.39 12.80
N LEU D 135 5.40 -33.23 12.03
CA LEU D 135 4.08 -33.63 12.48
C LEU D 135 4.08 -35.12 12.78
N PRO D 136 3.44 -35.50 13.90
CA PRO D 136 3.30 -36.91 14.30
C PRO D 136 2.72 -37.74 13.17
N ASP D 137 1.72 -37.22 12.47
CA ASP D 137 1.16 -37.91 11.32
C ASP D 137 1.27 -37.04 10.08
N PRO D 138 1.51 -37.66 8.92
CA PRO D 138 1.71 -36.91 7.67
C PRO D 138 0.47 -36.09 7.32
N LEU D 139 0.66 -34.95 6.66
CA LEU D 139 -0.46 -34.07 6.36
C LEU D 139 -1.54 -34.84 5.62
N VAL D 140 -1.11 -35.61 4.63
CA VAL D 140 -2.02 -36.47 3.90
C VAL D 140 -2.04 -37.82 4.60
N PRO D 141 -3.15 -38.10 5.31
CA PRO D 141 -3.23 -39.28 6.18
C PRO D 141 -3.08 -40.57 5.40
N TYR D 142 -2.48 -41.58 6.02
CA TYR D 142 -2.17 -42.84 5.34
C TYR D 142 -3.39 -43.50 4.69
N ASN D 143 -4.52 -43.52 5.41
CA ASN D 143 -5.77 -44.09 4.88
C ASN D 143 -6.22 -43.41 3.59
N MET D 144 -6.18 -42.08 3.57
CA MET D 144 -6.41 -41.34 2.34
C MET D 144 -5.40 -41.72 1.25
N GLN D 145 -4.17 -42.03 1.63
CA GLN D 145 -3.14 -42.35 0.66
C GLN D 145 -3.51 -43.58 -0.13
N ILE D 146 -4.09 -44.56 0.55
CA ILE D 146 -4.45 -45.81 -0.09
C ILE D 146 -5.43 -45.52 -1.21
N ASP D 147 -6.47 -44.76 -0.87
CA ASP D 147 -7.50 -44.39 -1.85
C ASP D 147 -6.90 -43.57 -2.99
N LEU D 148 -6.03 -42.62 -2.65
CA LEU D 148 -5.36 -41.81 -3.65
C LEU D 148 -4.65 -42.70 -4.66
N VAL D 149 -3.90 -43.68 -4.15
CA VAL D 149 -3.13 -44.55 -5.03
C VAL D 149 -4.06 -45.37 -5.92
N GLU D 150 -5.20 -45.80 -5.35
CA GLU D 150 -6.18 -46.57 -6.11
C GLU D 150 -6.76 -45.78 -7.28
N ALA D 151 -7.25 -44.58 -7.00
CA ALA D 151 -7.82 -43.72 -8.03
C ALA D 151 -6.83 -43.53 -9.18
N HIS D 152 -5.56 -43.32 -8.81
CA HIS D 152 -4.50 -43.10 -9.76
C HIS D 152 -4.38 -44.21 -10.80
N LYS D 153 -4.95 -45.38 -10.50
CA LYS D 153 -4.91 -46.51 -11.42
C LYS D 153 -5.71 -46.18 -12.67
N ILE D 154 -6.77 -45.40 -12.51
CA ILE D 154 -7.62 -45.01 -13.63
C ILE D 154 -6.82 -44.25 -14.67
N ASN D 155 -6.76 -44.80 -15.88
CA ASN D 155 -5.90 -44.27 -16.94
C ASN D 155 -6.42 -43.03 -17.64
N ASP D 156 -7.74 -42.93 -17.79
CA ASP D 156 -8.32 -41.76 -18.43
C ASP D 156 -8.17 -40.54 -17.53
N ARG D 157 -7.71 -39.44 -18.10
CA ARG D 157 -7.33 -38.29 -17.27
C ARG D 157 -8.50 -37.65 -16.52
N GLU D 158 -9.59 -37.38 -17.22
CA GLU D 158 -10.74 -36.78 -16.54
C GLU D 158 -11.29 -37.73 -15.47
N GLN D 159 -11.42 -39.01 -15.81
CA GLN D 159 -11.91 -40.00 -14.85
C GLN D 159 -11.02 -40.01 -13.62
N LYS D 160 -9.72 -40.07 -13.85
CA LYS D 160 -8.71 -40.08 -12.79
C LYS D 160 -8.89 -38.89 -11.86
N LEU D 161 -9.08 -37.71 -12.43
CA LEU D 161 -9.16 -36.51 -11.61
C LEU D 161 -10.42 -36.50 -10.76
N HIS D 162 -11.52 -37.02 -11.30
CA HIS D 162 -12.75 -37.13 -10.49
C HIS D 162 -12.51 -38.09 -9.34
N ALA D 163 -11.97 -39.26 -9.66
CA ALA D 163 -11.66 -40.25 -8.66
C ALA D 163 -10.86 -39.59 -7.54
N LEU D 164 -9.82 -38.84 -7.92
CA LEU D 164 -8.97 -38.17 -6.95
C LEU D 164 -9.73 -37.14 -6.12
N LYS D 165 -10.54 -36.33 -6.78
CA LYS D 165 -11.27 -35.31 -6.05
C LYS D 165 -12.20 -35.96 -5.05
N GLU D 166 -12.68 -37.16 -5.39
CA GLU D 166 -13.54 -37.91 -4.49
C GLU D 166 -12.82 -38.26 -3.20
N VAL D 167 -11.61 -38.81 -3.31
CA VAL D 167 -10.81 -39.06 -2.12
C VAL D 167 -10.65 -37.76 -1.37
N LEU D 168 -10.38 -36.69 -2.10
CA LEU D 168 -10.11 -35.40 -1.50
C LEU D 168 -11.28 -34.95 -0.62
N LYS D 169 -12.48 -35.40 -0.95
CA LYS D 169 -13.67 -35.09 -0.16
C LYS D 169 -13.68 -35.84 1.17
N LYS D 170 -12.97 -36.96 1.25
CA LYS D 170 -12.95 -37.77 2.46
C LYS D 170 -11.85 -37.38 3.44
N PHE D 171 -11.05 -36.37 3.08
CA PHE D 171 -10.00 -35.89 3.99
C PHE D 171 -10.60 -35.35 5.27
N PRO D 172 -9.94 -35.62 6.42
CA PRO D 172 -10.25 -34.90 7.65
C PRO D 172 -10.21 -33.41 7.34
N LYS D 173 -11.17 -32.64 7.85
CA LYS D 173 -11.27 -31.24 7.45
C LYS D 173 -10.04 -30.43 7.86
N GLU D 174 -9.48 -30.74 9.03
CA GLU D 174 -8.28 -30.02 9.48
C GLU D 174 -7.19 -30.15 8.43
N ASN D 175 -6.95 -31.38 7.98
CA ASN D 175 -5.91 -31.64 6.99
C ASN D 175 -6.26 -31.06 5.63
N HIS D 176 -7.52 -31.21 5.23
CA HIS D 176 -7.95 -30.76 3.93
C HIS D 176 -7.66 -29.28 3.75
N GLU D 177 -7.90 -28.52 4.81
CA GLU D 177 -7.63 -27.09 4.80
C GLU D 177 -6.16 -26.77 4.61
N VAL D 178 -5.31 -27.39 5.43
CA VAL D 178 -3.87 -27.14 5.32
C VAL D 178 -3.37 -27.63 3.97
N PHE D 179 -3.85 -28.80 3.55
CA PHE D 179 -3.46 -29.34 2.25
C PHE D 179 -3.82 -28.33 1.17
N LYS D 180 -5.04 -27.83 1.23
CA LYS D 180 -5.51 -26.84 0.26
C LYS D 180 -4.53 -25.68 0.23
N TYR D 181 -4.25 -25.12 1.41
CA TYR D 181 -3.40 -23.94 1.54
C TYR D 181 -2.01 -24.18 0.92
N VAL D 182 -1.36 -25.25 1.36
CA VAL D 182 -0.04 -25.59 0.85
C VAL D 182 -0.05 -25.82 -0.65
N ILE D 183 -0.99 -26.62 -1.14
CA ILE D 183 -1.04 -26.90 -2.56
C ILE D 183 -1.25 -25.64 -3.40
N SER D 184 -2.19 -24.78 -3.01
CA SER D 184 -2.41 -23.58 -3.81
C SER D 184 -1.15 -22.72 -3.82
N HIS D 185 -0.50 -22.63 -2.66
CA HIS D 185 0.79 -21.94 -2.57
C HIS D 185 1.77 -22.50 -3.61
N LEU D 186 1.90 -23.83 -3.65
CA LEU D 186 2.80 -24.48 -4.58
C LEU D 186 2.37 -24.19 -6.01
N ASN D 187 1.06 -24.17 -6.23
CA ASN D 187 0.53 -23.88 -7.55
C ASN D 187 1.04 -22.51 -7.97
N LYS D 188 1.07 -21.59 -7.02
CA LYS D 188 1.54 -20.24 -7.31
C LYS D 188 3.04 -20.21 -7.62
N VAL D 189 3.84 -20.80 -6.74
CA VAL D 189 5.26 -20.85 -6.99
C VAL D 189 5.49 -21.36 -8.42
N SER D 190 4.66 -22.31 -8.83
CA SER D 190 4.86 -22.96 -10.12
C SER D 190 4.58 -22.03 -11.29
N HIS D 191 3.77 -20.99 -11.06
CA HIS D 191 3.43 -20.06 -12.13
C HIS D 191 4.61 -19.19 -12.55
N ASN D 192 5.67 -19.21 -11.74
CA ASN D 192 6.89 -18.48 -12.07
C ASN D 192 8.07 -19.42 -12.41
N ASN D 193 7.76 -20.58 -12.99
CA ASN D 193 8.78 -21.61 -13.20
C ASN D 193 9.85 -21.21 -14.20
N LYS D 194 9.49 -20.38 -15.17
CA LYS D 194 10.47 -19.88 -16.15
C LYS D 194 11.65 -19.25 -15.40
N VAL D 195 11.33 -18.60 -14.28
CA VAL D 195 12.35 -17.92 -13.51
C VAL D 195 12.88 -18.81 -12.38
N ASN D 196 11.98 -19.29 -11.52
CA ASN D 196 12.42 -20.04 -10.34
C ASN D 196 12.71 -21.52 -10.64
N LEU D 197 12.36 -21.95 -11.85
CA LEU D 197 12.71 -23.27 -12.35
C LEU D 197 11.90 -24.40 -11.71
N MET D 198 10.94 -24.05 -10.86
CA MET D 198 10.18 -25.05 -10.16
C MET D 198 8.81 -25.25 -10.80
N THR D 199 8.75 -26.12 -11.80
CA THR D 199 7.49 -26.59 -12.36
C THR D 199 6.70 -27.40 -11.30
N SER D 200 5.43 -27.65 -11.58
CA SER D 200 4.65 -28.44 -10.63
C SER D 200 5.27 -29.83 -10.44
N GLU D 201 5.83 -30.38 -11.50
CA GLU D 201 6.52 -31.66 -11.38
C GLU D 201 7.63 -31.56 -10.34
N ASN D 202 8.50 -30.56 -10.51
CA ASN D 202 9.58 -30.36 -9.58
C ASN D 202 9.08 -30.16 -8.16
N LEU D 203 8.04 -29.36 -7.99
CA LEU D 203 7.54 -29.05 -6.67
C LEU D 203 7.03 -30.29 -5.93
N SER D 204 6.34 -31.19 -6.64
CA SER D 204 5.92 -32.45 -6.00
C SER D 204 7.12 -33.29 -5.59
N ILE D 205 8.18 -33.25 -6.41
CA ILE D 205 9.41 -33.96 -6.09
C ILE D 205 9.95 -33.52 -4.73
N CYS D 206 9.85 -32.23 -4.43
CA CYS D 206 10.31 -31.74 -3.13
C CYS D 206 9.30 -32.02 -2.03
N PHE D 207 8.05 -32.25 -2.41
CA PHE D 207 7.00 -32.25 -1.40
C PHE D 207 6.35 -33.59 -1.06
N TRP D 208 6.24 -34.51 -2.01
CA TRP D 208 5.47 -35.72 -1.73
C TRP D 208 6.02 -36.56 -0.56
N PRO D 209 7.35 -36.64 -0.43
CA PRO D 209 7.82 -37.38 0.74
C PRO D 209 7.42 -36.66 2.02
N THR D 210 7.52 -35.35 2.02
CA THR D 210 7.22 -34.59 3.22
C THR D 210 5.74 -34.73 3.59
N LEU D 211 4.87 -34.60 2.60
CA LEU D 211 3.44 -34.55 2.84
C LEU D 211 2.84 -35.93 3.06
N MET D 212 3.54 -36.97 2.64
CA MET D 212 2.96 -38.31 2.71
C MET D 212 3.72 -39.34 3.54
N ARG D 213 5.04 -39.19 3.65
CA ARG D 213 5.82 -40.09 4.49
C ARG D 213 5.58 -41.56 4.16
N PRO D 214 5.80 -41.96 2.91
CA PRO D 214 5.53 -43.35 2.57
C PRO D 214 6.45 -44.26 3.37
N ASP D 215 5.96 -45.42 3.80
CA ASP D 215 6.82 -46.41 4.43
C ASP D 215 7.34 -47.38 3.35
N PHE D 216 8.66 -47.42 3.19
CA PHE D 216 9.26 -48.16 2.07
C PHE D 216 9.69 -49.60 2.38
N SER D 217 9.13 -50.15 3.46
CA SER D 217 9.10 -51.59 3.64
C SER D 217 7.64 -52.00 3.44
N THR D 218 7.00 -51.41 2.41
CA THR D 218 5.58 -51.64 2.13
C THR D 218 5.26 -51.47 0.64
N MET D 219 6.29 -51.14 -0.13
CA MET D 219 6.18 -50.92 -1.57
C MET D 219 7.59 -50.72 -2.13
N ASP D 220 7.75 -51.01 -3.41
CA ASP D 220 9.02 -50.76 -4.08
C ASP D 220 9.28 -49.26 -4.11
N ALA D 221 10.46 -48.85 -3.66
CA ALA D 221 10.79 -47.43 -3.55
C ALA D 221 10.65 -46.67 -4.88
N LEU D 222 11.15 -47.26 -5.97
CA LEU D 222 11.07 -46.58 -7.26
C LEU D 222 9.63 -46.44 -7.79
N THR D 223 8.82 -47.49 -7.71
CA THR D 223 7.45 -47.42 -8.21
C THR D 223 6.58 -46.52 -7.32
N ALA D 224 6.78 -46.62 -6.01
CA ALA D 224 6.05 -45.75 -5.10
C ALA D 224 6.45 -44.30 -5.34
N THR D 225 7.69 -44.10 -5.79
CA THR D 225 8.14 -42.76 -6.09
C THR D 225 7.36 -42.14 -7.25
N ARG D 226 7.24 -42.86 -8.36
CA ARG D 226 6.58 -42.31 -9.53
C ARG D 226 5.12 -42.05 -9.22
N THR D 227 4.55 -42.93 -8.41
CA THR D 227 3.13 -42.84 -8.06
C THR D 227 2.80 -41.62 -7.20
N TYR D 228 3.49 -41.49 -6.08
CA TYR D 228 3.25 -40.35 -5.22
C TYR D 228 3.60 -39.05 -5.92
N GLN D 229 4.73 -39.04 -6.63
CA GLN D 229 5.17 -37.83 -7.31
C GLN D 229 4.08 -37.29 -8.22
N THR D 230 3.56 -38.16 -9.09
CA THR D 230 2.49 -37.78 -10.02
C THR D 230 1.20 -37.32 -9.32
N ILE D 231 0.82 -38.02 -8.25
CA ILE D 231 -0.39 -37.65 -7.54
C ILE D 231 -0.28 -36.20 -7.09
N ILE D 232 0.79 -35.88 -6.36
CA ILE D 232 0.98 -34.53 -5.86
C ILE D 232 1.13 -33.51 -7.00
N GLU D 233 1.76 -33.92 -8.09
CA GLU D 233 1.90 -33.04 -9.23
C GLU D 233 0.52 -32.64 -9.75
N LEU D 234 -0.42 -33.59 -9.75
CA LEU D 234 -1.77 -33.34 -10.25
C LEU D 234 -2.52 -32.39 -9.34
N PHE D 235 -2.33 -32.58 -8.03
CA PHE D 235 -2.98 -31.68 -7.09
C PHE D 235 -2.46 -30.27 -7.27
N ILE D 236 -1.18 -30.17 -7.56
CA ILE D 236 -0.56 -28.87 -7.75
C ILE D 236 -0.99 -28.22 -9.07
N GLN D 237 -0.91 -29.00 -10.15
CA GLN D 237 -1.23 -28.47 -11.47
C GLN D 237 -2.72 -28.26 -11.66
N GLN D 238 -3.52 -29.14 -11.08
CA GLN D 238 -4.96 -29.03 -11.21
C GLN D 238 -5.59 -28.42 -9.96
N CYS D 239 -4.78 -27.67 -9.24
CA CYS D 239 -5.24 -26.94 -8.07
C CYS D 239 -6.65 -26.34 -8.23
N PRO D 240 -6.89 -25.57 -9.31
CA PRO D 240 -8.22 -24.97 -9.49
C PRO D 240 -9.35 -25.99 -9.50
N PHE D 241 -9.18 -27.08 -10.23
CA PHE D 241 -10.19 -28.14 -10.31
C PHE D 241 -10.42 -28.77 -8.96
N PHE D 242 -9.35 -28.93 -8.19
CA PHE D 242 -9.47 -29.59 -6.89
C PHE D 242 -9.96 -28.66 -5.78
N PHE D 243 -9.74 -27.35 -5.91
CA PHE D 243 -9.92 -26.47 -4.74
C PHE D 243 -10.66 -25.16 -4.94
N TYR D 244 -11.20 -24.88 -6.13
CA TYR D 244 -11.86 -23.60 -6.37
C TYR D 244 -13.38 -23.62 -6.14
UNK UNX E . -27.70 18.49 14.63
UNK UNX F . -30.08 -5.40 -10.06
UNK UNX G . 32.03 -16.52 1.33
UNK UNX H . 19.06 1.63 -25.00
UNK UNX I . -16.83 21.75 10.08
UNK UNX J . -2.85 23.62 -20.83
UNK UNX K . 20.97 -20.42 1.85
UNK UNX L . -8.12 -26.99 -14.45
#